data_5XM1
#
_entry.id   5XM1
#
_cell.length_a   105.550
_cell.length_b   109.380
_cell.length_c   176.209
_cell.angle_alpha   90.000
_cell.angle_beta   90.000
_cell.angle_gamma   90.000
#
_symmetry.space_group_name_H-M   'P 21 21 21'
#
loop_
_entity.id
_entity.type
_entity.pdbx_description
1 polymer 'Histone H3mm7'
2 polymer 'Histone H4'
3 polymer 'Histone H2A type 1-B'
4 polymer 'Histone H2B type 3-A'
5 polymer 'DNA (146-MER)'
#
loop_
_entity_poly.entity_id
_entity_poly.type
_entity_poly.pdbx_seq_one_letter_code
_entity_poly.pdbx_strand_id
1 'polypeptide(L)'
;GSHMARTKQTARKSTGGKAPRKQLATKAARKSAPSIGGVKKPHRYRPGTVALREIRRYQKATELLIRKLPFQRLVREIAQ
DFKTDLRFQSAAIGALQEASEAYLVGLFEDTNLCAIHAKRVTIMPKDIQLARRIRGERA
;
A,E
2 'polypeptide(L)'
;GSHMSGRGKGGKGLGKGGAKRHRKVLRDNIQGITKPAIRRLARRGGVKRISGLIYEETRGVLKVFLENVIRDAVTYTEHA
KRKTVTAMDVVYALKRQGRTLYGFGG
;
B,F
3 'polypeptide(L)'
;GSHMSGRGKQGGKARAKAKTRSSRAGLQFPVGRVHRLLRKGNYSERVGAGAPVYLAAVLEYLTAEILELAGNAARDNKKT
RIIPRHLQLAIRNDEELNKLLGRVTIAQGGVLPNIQAVLLPKKTESHHKAKGK
;
C,G
4 'polypeptide(L)'
;GSHMPEPSRSTPAPKKGSKKAITKAQKKDGKKRKRGRKESYSIYVYKVLKQVHPDTGISSKAMGIMNSFVNDIFERIASE
ASRLAHYNKRSTITSREVQTAVRLLLPGELAKHAVSEGTKAVTKYTSSK
;
D,H
5 'polydeoxyribonucleotide'
;(DA)(DT)(DC)(DA)(DA)(DT)(DA)(DT)(DC)(DC)(DA)(DC)(DC)(DT)(DG)(DC)(DA)(DG)(DA)(DT)
(DT)(DC)(DT)(DA)(DC)(DC)(DA)(DA)(DA)(DA)(DG)(DT)(DG)(DT)(DA)(DT)(DT)(DT)(DG)(DG)
(DA)(DA)(DA)(DC)(DT)(DG)(DC)(DT)(DC)(DC)(DA)(DT)(DC)(DA)(DA)(DA)(DA)(DG)(DG)(DC)
(DA)(DT)(DG)(DT)(DT)(DC)(DA)(DG)(DC)(DT)(DG)(DA)(DA)(DT)(DT)(DC)(DA)(DG)(DC)(DT)
(DG)(DA)(DA)(DC)(DA)(DT)(DG)(DC)(DC)(DT)(DT)(DT)(DT)(DG)(DA)(DT)(DG)(DG)(DA)(DG)
(DC)(DA)(DG)(DT)(DT)(DT)(DC)(DC)(DA)(DA)(DA)(DT)(DA)(DC)(DA)(DC)(DT)(DT)(DT)(DT)
(DG)(DG)(DT)(DA)(DG)(DA)(DA)(DT)(DC)(DT)(DG)(DC)(DA)(DG)(DG)(DT)(DG)(DG)(DA)(DT)
(DA)(DT)(DT)(DG)(DA)(DT)
;
I,J
#
loop_
_chem_comp.id
_chem_comp.type
_chem_comp.name
_chem_comp.formula
DA DNA linking 2'-DEOXYADENOSINE-5'-MONOPHOSPHATE 'C10 H14 N5 O6 P'
DC DNA linking 2'-DEOXYCYTIDINE-5'-MONOPHOSPHATE 'C9 H14 N3 O7 P'
DG DNA linking 2'-DEOXYGUANOSINE-5'-MONOPHOSPHATE 'C10 H14 N5 O7 P'
DT DNA linking THYMIDINE-5'-MONOPHOSPHATE 'C10 H15 N2 O8 P'
#
# COMPACT_ATOMS: atom_id res chain seq x y z
N PRO A 42 33.78 -44.78 3.94
CA PRO A 42 32.94 -43.72 4.54
C PRO A 42 31.65 -43.51 3.76
N HIS A 43 30.72 -42.70 4.28
CA HIS A 43 29.47 -42.37 3.60
C HIS A 43 29.33 -40.87 3.44
N ARG A 44 28.63 -40.46 2.39
CA ARG A 44 28.62 -39.08 1.95
C ARG A 44 27.43 -38.83 1.03
N TYR A 45 26.73 -37.72 1.29
CA TYR A 45 25.62 -37.27 0.46
C TYR A 45 26.10 -36.36 -0.66
N ARG A 46 25.50 -36.49 -1.83
CA ARG A 46 25.90 -35.69 -2.98
C ARG A 46 25.49 -34.23 -2.76
N PRO A 47 26.29 -33.27 -3.22
CA PRO A 47 25.88 -31.86 -3.15
C PRO A 47 24.50 -31.63 -3.78
N GLY A 48 23.60 -31.05 -3.00
CA GLY A 48 22.25 -30.76 -3.43
C GLY A 48 21.22 -31.52 -2.65
N THR A 49 21.59 -32.68 -2.11
CA THR A 49 20.65 -33.54 -1.43
C THR A 49 20.29 -33.02 -0.07
N VAL A 50 21.30 -32.66 0.72
CA VAL A 50 21.02 -32.19 2.07
C VAL A 50 20.37 -30.82 2.01
N ALA A 51 20.67 -30.04 0.97
CA ALA A 51 19.99 -28.78 0.74
C ALA A 51 18.47 -28.99 0.65
N LEU A 52 18.03 -29.90 -0.22
CA LEU A 52 16.59 -30.16 -0.33
C LEU A 52 16.03 -30.76 0.97
N ARG A 53 16.85 -31.49 1.71
CA ARG A 53 16.39 -32.00 2.99
C ARG A 53 16.14 -30.86 3.95
N GLU A 54 17.02 -29.86 3.93
CA GLU A 54 16.86 -28.67 4.77
C GLU A 54 15.63 -27.87 4.36
N ILE A 55 15.40 -27.69 3.06
CA ILE A 55 14.21 -26.98 2.60
C ILE A 55 12.96 -27.70 3.09
N ARG A 56 12.88 -29.00 2.85
CA ARG A 56 11.73 -29.77 3.32
C ARG A 56 11.54 -29.64 4.83
N ARG A 57 12.64 -29.53 5.60
CA ARG A 57 12.51 -29.43 7.05
C ARG A 57 12.03 -28.05 7.48
N TYR A 58 12.70 -26.97 7.04
CA TYR A 58 12.42 -25.63 7.57
C TYR A 58 11.12 -25.07 7.02
N GLN A 59 10.67 -25.55 5.86
CA GLN A 59 9.34 -25.21 5.40
C GLN A 59 8.28 -25.98 6.19
N LYS A 60 8.65 -27.11 6.80
CA LYS A 60 7.72 -27.86 7.63
C LYS A 60 7.55 -27.21 8.98
N ALA A 61 8.60 -26.56 9.48
CA ALA A 61 8.60 -25.94 10.80
C ALA A 61 8.05 -24.51 10.75
N THR A 62 7.85 -23.96 11.94
CA THR A 62 7.45 -22.57 12.08
C THR A 62 8.30 -21.86 13.12
N GLU A 63 9.30 -22.53 13.68
CA GLU A 63 10.20 -21.96 14.65
C GLU A 63 10.92 -20.77 14.06
N LEU A 64 11.37 -19.87 14.91
CA LEU A 64 12.29 -18.82 14.45
C LEU A 64 13.66 -19.41 14.13
N LEU A 65 14.32 -18.83 13.14
CA LEU A 65 15.57 -19.39 12.66
C LEU A 65 16.81 -18.58 13.06
N ILE A 66 16.66 -17.38 13.62
CA ILE A 66 17.80 -16.61 14.09
C ILE A 66 17.92 -16.80 15.59
N ARG A 67 19.16 -16.91 16.08
CA ARG A 67 19.35 -17.13 17.49
C ARG A 67 18.87 -15.88 18.23
N LYS A 68 18.17 -16.06 19.34
CA LYS A 68 17.43 -14.95 19.95
C LYS A 68 18.36 -13.85 20.44
N LEU A 69 19.38 -14.20 21.22
CA LEU A 69 20.23 -13.18 21.83
C LEU A 69 20.98 -12.31 20.81
N PRO A 70 21.67 -12.88 19.80
CA PRO A 70 22.34 -11.98 18.84
C PRO A 70 21.37 -11.01 18.23
N PHE A 71 20.14 -11.47 17.99
CA PHE A 71 19.10 -10.59 17.48
C PHE A 71 18.76 -9.49 18.46
N GLN A 72 18.54 -9.84 19.73
CA GLN A 72 18.24 -8.82 20.74
C GLN A 72 19.35 -7.77 20.82
N ARG A 73 20.60 -8.23 20.76
CA ARG A 73 21.72 -7.33 20.80
C ARG A 73 21.64 -6.37 19.62
N LEU A 74 21.42 -6.92 18.42
CA LEU A 74 21.24 -6.10 17.22
C LEU A 74 20.13 -5.06 17.37
N VAL A 75 18.96 -5.48 17.86
CA VAL A 75 17.83 -4.54 17.99
C VAL A 75 18.18 -3.37 18.89
N ARG A 76 18.65 -3.65 20.13
CA ARG A 76 18.93 -2.52 21.04
C ARG A 76 20.10 -1.68 20.53
N GLU A 77 21.06 -2.31 19.83
CA GLU A 77 22.15 -1.58 19.19
C GLU A 77 21.63 -0.58 18.17
N ILE A 78 20.68 -1.02 17.32
CA ILE A 78 20.06 -0.12 16.33
C ILE A 78 19.22 0.97 17.00
N ALA A 79 18.47 0.62 18.05
CA ALA A 79 17.55 1.58 18.67
C ALA A 79 18.31 2.64 19.41
N GLN A 80 19.47 2.28 19.95
CA GLN A 80 20.30 3.24 20.62
C GLN A 80 20.54 4.44 19.71
N ASP A 81 20.48 4.27 18.39
CA ASP A 81 20.79 5.36 17.48
C ASP A 81 19.64 6.33 17.28
N PHE A 82 18.48 6.10 17.90
CA PHE A 82 17.34 7.00 17.78
C PHE A 82 16.89 7.57 19.12
N LYS A 83 16.85 6.74 20.17
CA LYS A 83 16.59 7.21 21.52
C LYS A 83 17.54 6.42 22.42
N THR A 84 18.04 7.03 23.49
CA THR A 84 19.07 6.38 24.33
C THR A 84 18.44 5.81 25.58
N ASP A 85 19.12 4.84 26.18
CA ASP A 85 18.59 4.09 27.31
C ASP A 85 17.11 3.80 27.10
N LEU A 86 16.84 2.89 26.17
CA LEU A 86 15.49 2.40 25.93
C LEU A 86 15.40 0.96 26.39
N ARG A 87 14.30 0.64 27.06
CA ARG A 87 13.96 -0.71 27.45
C ARG A 87 12.96 -1.26 26.43
N PHE A 88 12.88 -2.57 26.30
CA PHE A 88 11.97 -3.18 25.34
C PHE A 88 11.09 -4.22 26.01
N GLN A 89 9.78 -4.12 25.79
CA GLN A 89 8.92 -5.23 26.17
C GLN A 89 9.45 -6.50 25.52
N SER A 90 9.45 -7.61 26.26
CA SER A 90 9.88 -8.87 25.67
C SER A 90 9.08 -9.16 24.42
N ALA A 91 7.77 -8.88 24.47
CA ALA A 91 6.88 -9.07 23.34
C ALA A 91 7.31 -8.26 22.14
N ALA A 92 7.98 -7.14 22.33
CA ALA A 92 8.37 -6.31 21.21
C ALA A 92 9.63 -6.83 20.55
N ILE A 93 10.54 -7.46 21.29
CA ILE A 93 11.68 -8.04 20.61
C ILE A 93 11.21 -9.26 19.83
N GLY A 94 10.32 -10.05 20.43
CA GLY A 94 9.78 -11.18 19.70
C GLY A 94 8.97 -10.78 18.48
N ALA A 95 8.25 -9.66 18.56
CA ALA A 95 7.49 -9.17 17.41
C ALA A 95 8.42 -8.67 16.32
N LEU A 96 9.42 -7.88 16.70
CA LEU A 96 10.40 -7.44 15.71
C LEU A 96 11.09 -8.60 15.03
N GLN A 97 11.27 -9.75 15.71
CA GLN A 97 11.99 -10.86 15.09
C GLN A 97 11.07 -11.68 14.22
N GLU A 98 9.84 -11.89 14.68
CA GLU A 98 8.85 -12.55 13.86
C GLU A 98 8.75 -11.80 12.55
N ALA A 99 8.60 -10.49 12.65
CA ALA A 99 8.36 -9.67 11.48
C ALA A 99 9.55 -9.68 10.55
N SER A 100 10.78 -9.61 11.09
CA SER A 100 11.90 -9.48 10.18
C SER A 100 12.29 -10.81 9.56
N GLU A 101 12.27 -11.89 10.32
CA GLU A 101 12.52 -13.18 9.69
C GLU A 101 11.49 -13.48 8.60
N ALA A 102 10.20 -13.21 8.88
CA ALA A 102 9.17 -13.31 7.83
C ALA A 102 9.55 -12.51 6.58
N TYR A 103 9.92 -11.23 6.78
CA TYR A 103 10.39 -10.38 5.68
C TYR A 103 11.50 -11.07 4.88
N LEU A 104 12.53 -11.55 5.56
CA LEU A 104 13.66 -12.11 4.83
C LEU A 104 13.30 -13.38 4.08
N VAL A 105 12.46 -14.24 4.65
CA VAL A 105 12.03 -15.46 3.92
C VAL A 105 11.26 -15.11 2.64
N GLY A 106 10.35 -14.13 2.71
CA GLY A 106 9.67 -13.72 1.49
C GLY A 106 10.61 -13.10 0.47
N LEU A 107 11.56 -12.30 0.94
CA LEU A 107 12.57 -11.74 0.02
C LEU A 107 13.41 -12.84 -0.63
N PHE A 108 13.66 -13.93 0.10
CA PHE A 108 14.38 -15.03 -0.49
C PHE A 108 13.53 -15.76 -1.52
N GLU A 109 12.21 -15.87 -1.31
CA GLU A 109 11.37 -16.45 -2.36
C GLU A 109 11.52 -15.65 -3.64
N ASP A 110 11.32 -14.33 -3.57
CA ASP A 110 11.38 -13.54 -4.80
C ASP A 110 12.79 -13.61 -5.41
N THR A 111 13.82 -13.61 -4.56
CA THR A 111 15.22 -13.77 -5.00
C THR A 111 15.40 -15.07 -5.78
N ASN A 112 15.00 -16.18 -5.19
CA ASN A 112 15.10 -17.50 -5.79
C ASN A 112 14.46 -17.42 -7.16
N LEU A 113 13.29 -16.77 -7.27
CA LEU A 113 12.67 -16.69 -8.59
C LEU A 113 13.53 -15.89 -9.57
N CYS A 114 14.23 -14.87 -9.10
CA CYS A 114 15.12 -14.15 -10.02
C CYS A 114 16.31 -15.01 -10.45
N ALA A 115 16.81 -15.84 -9.52
CA ALA A 115 17.89 -16.77 -9.85
C ALA A 115 17.44 -17.71 -10.94
N ILE A 116 16.29 -18.39 -10.71
CA ILE A 116 15.69 -19.27 -11.72
C ILE A 116 15.54 -18.55 -13.04
N HIS A 117 14.97 -17.35 -13.00
CA HIS A 117 14.69 -16.62 -14.23
C HIS A 117 15.94 -16.39 -15.07
N ALA A 118 17.10 -16.20 -14.42
CA ALA A 118 18.38 -16.05 -15.12
C ALA A 118 19.10 -17.41 -15.39
N LYS A 119 18.33 -18.50 -15.50
CA LYS A 119 18.82 -19.85 -15.80
C LYS A 119 19.82 -20.36 -14.75
N ARG A 120 19.76 -19.89 -13.50
CA ARG A 120 20.66 -20.30 -12.43
C ARG A 120 19.88 -21.05 -11.34
N VAL A 121 20.60 -21.47 -10.30
CA VAL A 121 20.07 -22.24 -9.18
C VAL A 121 20.65 -21.65 -7.89
N THR A 122 21.70 -20.86 -8.07
CA THR A 122 22.37 -20.18 -6.98
C THR A 122 21.85 -18.75 -6.89
N ILE A 123 21.37 -18.36 -5.71
CA ILE A 123 20.98 -16.97 -5.51
C ILE A 123 22.23 -16.09 -5.31
N MET A 124 22.24 -14.92 -5.91
CA MET A 124 23.37 -14.00 -5.85
C MET A 124 22.92 -12.65 -5.38
N PRO A 125 23.85 -11.76 -5.04
CA PRO A 125 23.42 -10.41 -4.64
C PRO A 125 22.59 -9.70 -5.69
N LYS A 126 22.89 -9.88 -7.00
CA LYS A 126 22.06 -9.24 -8.02
C LYS A 126 20.61 -9.72 -7.99
N ASP A 127 20.37 -10.95 -7.54
CA ASP A 127 18.99 -11.43 -7.44
C ASP A 127 18.25 -10.69 -6.33
N ILE A 128 18.86 -10.56 -5.16
CA ILE A 128 18.29 -9.77 -4.08
C ILE A 128 18.08 -8.33 -4.55
N GLN A 129 19.05 -7.76 -5.28
CA GLN A 129 18.96 -6.37 -5.70
C GLN A 129 17.85 -6.15 -6.71
N LEU A 130 17.63 -7.12 -7.62
CA LEU A 130 16.51 -7.04 -8.56
C LEU A 130 15.17 -7.17 -7.84
N ALA A 131 15.05 -8.15 -6.93
CA ALA A 131 13.81 -8.34 -6.17
C ALA A 131 13.42 -7.07 -5.43
N ARG A 132 14.36 -6.49 -4.69
CA ARG A 132 14.04 -5.24 -4.00
C ARG A 132 13.74 -4.13 -4.98
N ARG A 133 14.45 -4.03 -6.10
CA ARG A 133 14.14 -2.97 -7.05
C ARG A 133 12.72 -3.11 -7.62
N ILE A 134 12.28 -4.33 -7.92
CA ILE A 134 10.91 -4.52 -8.40
C ILE A 134 9.86 -4.27 -7.32
N ARG A 135 10.12 -4.70 -6.07
CA ARG A 135 9.18 -4.49 -4.95
C ARG A 135 8.92 -3.03 -4.62
N GLY A 136 9.79 -2.11 -5.03
CA GLY A 136 9.68 -0.73 -4.64
C GLY A 136 10.61 -0.31 -3.52
N GLU A 137 11.24 -1.27 -2.83
CA GLU A 137 12.12 -0.95 -1.72
C GLU A 137 13.32 -0.07 -2.14
N ARG A 138 13.68 -0.05 -3.43
CA ARG A 138 14.70 0.86 -3.96
C ARG A 138 14.15 1.51 -5.22
N ASN B 29 27.81 -6.09 15.68
CA ASN B 29 26.60 -6.76 16.21
C ASN B 29 25.80 -7.40 15.13
N ILE B 30 25.79 -6.69 14.00
CA ILE B 30 25.11 -7.17 12.80
C ILE B 30 25.80 -8.42 12.26
N GLN B 31 27.11 -8.55 12.51
CA GLN B 31 27.85 -9.75 12.13
C GLN B 31 27.53 -10.90 13.05
N GLY B 32 26.72 -10.64 14.08
CA GLY B 32 26.26 -11.66 15.00
C GLY B 32 25.15 -12.50 14.44
N ILE B 33 24.51 -12.05 13.37
CA ILE B 33 23.57 -12.88 12.63
C ILE B 33 24.43 -13.81 11.79
N THR B 34 24.65 -15.02 12.32
CA THR B 34 25.55 -16.00 11.74
C THR B 34 25.05 -16.51 10.39
N LYS B 35 25.99 -16.88 9.55
CA LYS B 35 25.68 -17.51 8.27
C LYS B 35 24.84 -18.79 8.39
N PRO B 36 25.04 -19.66 9.38
CA PRO B 36 24.14 -20.82 9.47
C PRO B 36 22.68 -20.45 9.67
N ALA B 37 22.37 -19.26 10.18
CA ALA B 37 20.99 -18.79 10.31
C ALA B 37 20.47 -18.14 9.02
N ILE B 38 21.31 -17.36 8.34
CA ILE B 38 20.91 -16.83 7.06
C ILE B 38 20.72 -17.96 6.08
N ARG B 39 21.46 -19.05 6.27
CA ARG B 39 21.27 -20.25 5.47
C ARG B 39 19.87 -20.78 5.69
N ARG B 40 19.49 -20.90 6.96
CA ARG B 40 18.19 -21.45 7.29
C ARG B 40 17.08 -20.58 6.74
N LEU B 41 17.25 -19.26 6.82
CA LEU B 41 16.23 -18.37 6.27
C LEU B 41 16.05 -18.62 4.78
N ALA B 42 17.15 -18.76 4.04
CA ALA B 42 17.00 -19.00 2.61
C ALA B 42 16.42 -20.38 2.37
N ARG B 43 16.66 -21.31 3.29
CA ARG B 43 16.11 -22.65 3.16
C ARG B 43 14.59 -22.60 3.26
N ARG B 44 14.07 -21.98 4.33
CA ARG B 44 12.61 -21.80 4.43
C ARG B 44 12.07 -21.08 3.20
N GLY B 45 12.86 -20.21 2.61
CA GLY B 45 12.47 -19.50 1.40
C GLY B 45 12.49 -20.35 0.14
N GLY B 46 13.06 -21.55 0.21
CA GLY B 46 13.11 -22.45 -0.92
C GLY B 46 14.38 -22.39 -1.72
N VAL B 47 15.46 -21.93 -1.13
CA VAL B 47 16.70 -21.72 -1.85
C VAL B 47 17.55 -22.96 -1.71
N LYS B 48 18.08 -23.44 -2.84
CA LYS B 48 18.88 -24.66 -2.82
C LYS B 48 20.37 -24.32 -2.70
N ARG B 49 20.87 -23.40 -3.53
CA ARG B 49 22.29 -23.05 -3.54
C ARG B 49 22.47 -21.55 -3.29
N ILE B 50 23.49 -21.17 -2.51
CA ILE B 50 23.67 -19.80 -2.01
C ILE B 50 25.09 -19.30 -2.29
N SER B 51 25.22 -18.19 -3.05
CA SER B 51 26.51 -17.55 -3.27
C SER B 51 27.12 -17.08 -1.94
N GLY B 52 28.45 -17.01 -1.89
CA GLY B 52 29.13 -16.60 -0.67
C GLY B 52 28.92 -15.13 -0.36
N LEU B 53 28.67 -14.32 -1.40
CA LEU B 53 28.47 -12.90 -1.21
C LEU B 53 27.10 -12.59 -0.60
N ILE B 54 26.17 -13.55 -0.64
CA ILE B 54 24.82 -13.38 -0.12
C ILE B 54 24.80 -12.89 1.31
N TYR B 55 25.55 -13.54 2.20
CA TYR B 55 25.42 -13.28 3.63
C TYR B 55 25.68 -11.81 3.97
N GLU B 56 26.67 -11.18 3.35
CA GLU B 56 26.86 -9.76 3.58
C GLU B 56 25.71 -8.93 3.04
N GLU B 57 25.25 -9.24 1.82
CA GLU B 57 24.11 -8.54 1.25
C GLU B 57 22.85 -8.71 2.13
N THR B 58 22.67 -9.88 2.72
CA THR B 58 21.53 -10.15 3.58
C THR B 58 21.61 -9.35 4.85
N ARG B 59 22.78 -9.29 5.47
CA ARG B 59 22.92 -8.49 6.68
C ARG B 59 22.63 -7.03 6.38
N GLY B 60 22.99 -6.57 5.18
CA GLY B 60 22.68 -5.21 4.80
C GLY B 60 21.18 -4.94 4.75
N VAL B 61 20.45 -5.76 3.98
CA VAL B 61 18.99 -5.62 3.90
C VAL B 61 18.35 -5.70 5.28
N LEU B 62 18.73 -6.70 6.09
CA LEU B 62 18.13 -6.83 7.41
C LEU B 62 18.33 -5.56 8.22
N LYS B 63 19.53 -4.96 8.15
CA LYS B 63 19.78 -3.69 8.87
C LYS B 63 18.87 -2.57 8.38
N VAL B 64 18.71 -2.41 7.06
CA VAL B 64 17.80 -1.36 6.58
C VAL B 64 16.40 -1.62 7.10
N PHE B 65 16.02 -2.90 7.23
CA PHE B 65 14.68 -3.22 7.71
C PHE B 65 14.49 -2.80 9.15
N LEU B 66 15.32 -3.32 10.06
CA LEU B 66 15.17 -2.95 11.47
C LEU B 66 15.28 -1.44 11.64
N GLU B 67 16.24 -0.82 10.96
CA GLU B 67 16.41 0.62 10.93
C GLU B 67 15.08 1.34 10.69
N ASN B 68 14.43 1.05 9.57
CA ASN B 68 13.14 1.69 9.24
C ASN B 68 12.05 1.41 10.28
N VAL B 69 11.89 0.13 10.65
CA VAL B 69 10.81 -0.25 11.54
C VAL B 69 11.00 0.36 12.91
N ILE B 70 12.20 0.21 13.47
CA ILE B 70 12.52 0.72 14.81
C ILE B 70 12.43 2.24 14.84
N ARG B 71 12.97 2.92 13.82
CA ARG B 71 12.83 4.37 13.80
C ARG B 71 11.39 4.76 13.98
N ASP B 72 10.48 4.10 13.25
CA ASP B 72 9.07 4.42 13.46
C ASP B 72 8.58 4.02 14.86
N ALA B 73 8.91 2.80 15.32
CA ALA B 73 8.40 2.31 16.60
C ALA B 73 8.79 3.20 17.76
N VAL B 74 10.04 3.68 17.73
CA VAL B 74 10.57 4.60 18.72
C VAL B 74 9.95 5.97 18.56
N THR B 75 9.61 6.39 17.34
CA THR B 75 8.86 7.65 17.24
C THR B 75 7.53 7.54 17.99
N TYR B 76 6.94 6.32 17.99
CA TYR B 76 5.69 6.10 18.70
C TYR B 76 5.93 6.06 20.20
N THR B 77 7.05 5.46 20.63
CA THR B 77 7.42 5.48 22.04
C THR B 77 7.62 6.90 22.55
N GLU B 78 8.41 7.70 21.83
CA GLU B 78 8.64 9.08 22.25
C GLU B 78 7.34 9.86 22.27
N HIS B 79 6.47 9.66 21.29
CA HIS B 79 5.21 10.40 21.34
C HIS B 79 4.42 10.03 22.58
N ALA B 80 4.47 8.78 23.01
CA ALA B 80 3.73 8.34 24.19
C ALA B 80 4.46 8.66 25.49
N LYS B 81 5.51 9.48 25.41
CA LYS B 81 6.29 9.93 26.56
C LYS B 81 6.72 8.74 27.41
N ARG B 82 7.19 7.69 26.75
CA ARG B 82 7.64 6.50 27.43
C ARG B 82 9.12 6.26 27.22
N LYS B 83 9.64 5.30 27.98
CA LYS B 83 11.02 4.86 27.88
C LYS B 83 11.10 3.42 27.40
N THR B 84 9.95 2.73 27.31
CA THR B 84 9.86 1.32 26.92
C THR B 84 9.12 1.17 25.60
N VAL B 85 9.78 0.59 24.61
CA VAL B 85 9.10 0.25 23.36
C VAL B 85 8.17 -0.92 23.65
N THR B 86 6.87 -0.69 23.50
CA THR B 86 5.89 -1.72 23.74
C THR B 86 5.66 -2.48 22.44
N ALA B 87 5.09 -3.69 22.57
CA ALA B 87 4.85 -4.47 21.36
C ALA B 87 3.87 -3.75 20.43
N MET B 88 2.90 -3.02 20.99
CA MET B 88 1.98 -2.24 20.16
C MET B 88 2.70 -1.16 19.37
N ASP B 89 3.83 -0.67 19.86
CA ASP B 89 4.60 0.31 19.12
C ASP B 89 5.21 -0.33 17.87
N VAL B 90 5.69 -1.56 18.03
CA VAL B 90 6.22 -2.30 16.91
C VAL B 90 5.11 -2.65 15.93
N VAL B 91 3.94 -2.98 16.45
CA VAL B 91 2.83 -3.32 15.57
C VAL B 91 2.37 -2.10 14.77
N TYR B 92 2.14 -0.97 15.44
CA TYR B 92 1.72 0.21 14.72
C TYR B 92 2.77 0.60 13.68
N ALA B 93 4.05 0.37 14.03
CA ALA B 93 5.17 0.75 13.19
C ALA B 93 5.23 -0.12 11.96
N LEU B 94 5.07 -1.44 12.15
CA LEU B 94 4.98 -2.38 11.04
C LEU B 94 3.76 -2.10 10.14
N LYS B 95 2.61 -1.73 10.71
CA LYS B 95 1.47 -1.36 9.87
C LYS B 95 1.82 -0.18 8.96
N ARG B 96 2.48 0.84 9.51
CA ARG B 96 2.86 2.00 8.68
C ARG B 96 3.66 1.61 7.44
N GLN B 97 4.49 0.56 7.55
CA GLN B 97 5.37 0.09 6.51
C GLN B 97 4.70 -0.94 5.60
N GLY B 98 3.42 -1.25 5.85
CA GLY B 98 2.72 -2.30 5.10
C GLY B 98 3.31 -3.67 5.36
N ARG B 99 3.69 -3.93 6.61
CA ARG B 99 4.18 -5.22 7.07
C ARG B 99 3.29 -5.76 8.19
N THR B 100 1.98 -5.44 8.14
CA THR B 100 0.95 -5.83 9.10
C THR B 100 1.24 -7.17 9.74
N LEU B 101 1.28 -7.24 11.07
CA LEU B 101 1.65 -8.45 11.79
C LEU B 101 0.56 -8.83 12.77
N TYR B 102 0.09 -10.07 12.70
CA TYR B 102 -0.96 -10.56 13.61
C TYR B 102 -0.39 -11.41 14.74
N GLY B 103 -0.90 -11.20 15.95
CA GLY B 103 -0.58 -12.09 17.06
C GLY B 103 0.08 -11.38 18.22
N PHE B 104 0.18 -10.04 18.13
CA PHE B 104 0.85 -9.25 19.15
C PHE B 104 0.03 -8.07 19.67
N GLY B 105 -1.25 -7.96 19.32
CA GLY B 105 -2.05 -6.82 19.74
C GLY B 105 -2.98 -6.27 18.69
N GLY B 106 -2.71 -6.60 17.44
CA GLY B 106 -3.44 -6.09 16.30
C GLY B 106 -2.55 -6.33 15.09
N ALA C 18 -9.63 42.79 13.23
CA ALA C 18 -9.64 41.42 12.71
C ALA C 18 -8.34 41.13 11.94
N LYS C 19 -7.59 40.14 12.43
CA LYS C 19 -6.40 39.64 11.77
C LYS C 19 -6.63 38.17 11.42
N THR C 20 -6.24 37.77 10.21
CA THR C 20 -6.35 36.36 9.89
C THR C 20 -5.27 35.60 10.64
N ARG C 21 -5.60 34.36 11.05
CA ARG C 21 -4.62 33.56 11.78
C ARG C 21 -3.41 33.22 10.90
N SER C 22 -3.59 33.22 9.58
CA SER C 22 -2.49 32.94 8.69
C SER C 22 -1.42 34.01 8.83
N SER C 23 -1.82 35.29 8.90
CA SER C 23 -0.85 36.35 9.08
C SER C 23 -0.29 36.32 10.48
N ARG C 24 -1.12 36.03 11.47
CA ARG C 24 -0.62 35.94 12.83
C ARG C 24 0.52 34.93 12.91
N ALA C 25 0.45 33.85 12.13
CA ALA C 25 1.49 32.82 12.09
C ALA C 25 2.47 33.03 10.95
N GLY C 26 2.23 34.03 10.11
CA GLY C 26 3.16 34.36 9.05
C GLY C 26 3.14 33.39 7.91
N LEU C 27 1.96 32.96 7.49
CA LEU C 27 1.82 31.95 6.46
C LEU C 27 1.02 32.52 5.31
N GLN C 28 1.17 31.89 4.14
CA GLN C 28 0.34 32.21 2.98
C GLN C 28 -0.84 31.25 2.86
N PHE C 29 -0.73 30.07 3.47
CA PHE C 29 -1.82 29.10 3.49
C PHE C 29 -2.89 29.48 4.52
N PRO C 30 -4.16 29.16 4.24
CA PRO C 30 -5.29 29.53 5.10
C PRO C 30 -5.39 28.69 6.37
N VAL C 31 -5.07 29.27 7.52
CA VAL C 31 -5.10 28.52 8.76
C VAL C 31 -6.53 28.27 9.18
N GLY C 32 -7.41 29.21 8.88
CA GLY C 32 -8.81 29.02 9.21
C GLY C 32 -9.40 27.86 8.45
N ARG C 33 -9.08 27.78 7.15
CA ARG C 33 -9.62 26.71 6.31
C ARG C 33 -9.05 25.36 6.70
N VAL C 34 -7.77 25.27 7.02
CA VAL C 34 -7.20 24.01 7.50
C VAL C 34 -7.80 23.62 8.84
N HIS C 35 -8.11 24.59 9.69
CA HIS C 35 -8.73 24.25 10.96
C HIS C 35 -10.14 23.72 10.74
N ARG C 36 -10.86 24.33 9.79
CA ARG C 36 -12.20 23.86 9.48
C ARG C 36 -12.17 22.46 8.88
N LEU C 37 -11.18 22.17 8.02
CA LEU C 37 -11.01 20.86 7.41
C LEU C 37 -10.53 19.83 8.41
N LEU C 38 -10.07 20.24 9.58
CA LEU C 38 -9.71 19.21 10.54
C LEU C 38 -10.89 18.74 11.36
N ARG C 39 -11.83 19.63 11.70
CA ARG C 39 -13.07 19.23 12.37
C ARG C 39 -14.02 18.49 11.43
N LYS C 40 -14.20 18.98 10.20
CA LYS C 40 -15.14 18.32 9.30
C LYS C 40 -14.61 17.01 8.76
N GLY C 41 -13.34 16.69 9.01
CA GLY C 41 -12.78 15.48 8.47
C GLY C 41 -12.88 14.28 9.37
N ASN C 42 -13.38 14.50 10.59
CA ASN C 42 -13.54 13.44 11.57
C ASN C 42 -12.22 12.75 11.85
N TYR C 43 -11.23 13.53 12.25
CA TYR C 43 -9.97 12.93 12.62
C TYR C 43 -9.87 12.82 14.12
N SER C 44 -10.42 13.79 14.81
CA SER C 44 -10.36 13.77 16.25
C SER C 44 -11.60 14.42 16.79
N GLU C 45 -11.97 14.01 18.01
CA GLU C 45 -13.14 14.59 18.63
C GLU C 45 -12.99 16.11 18.74
N ARG C 46 -11.89 16.59 19.30
CA ARG C 46 -11.57 18.01 19.32
C ARG C 46 -10.20 18.30 18.70
N VAL C 47 -10.06 19.52 18.18
CA VAL C 47 -8.86 20.01 17.50
C VAL C 47 -8.23 21.16 18.28
N GLY C 48 -7.04 20.93 18.82
CA GLY C 48 -6.24 22.00 19.40
C GLY C 48 -6.01 23.19 18.46
N ALA C 49 -5.54 24.32 18.99
CA ALA C 49 -5.47 25.55 18.21
C ALA C 49 -4.18 25.65 17.43
N GLY C 50 -3.18 24.88 17.81
CA GLY C 50 -1.89 24.94 17.17
C GLY C 50 -1.79 23.98 16.01
N ALA C 51 -2.61 22.93 16.02
CA ALA C 51 -2.62 21.95 14.94
C ALA C 51 -2.84 22.59 13.56
N PRO C 52 -3.89 23.39 13.33
CA PRO C 52 -4.05 23.93 11.96
C PRO C 52 -2.93 24.85 11.54
N VAL C 53 -2.33 25.58 12.49
CA VAL C 53 -1.20 26.42 12.15
C VAL C 53 -0.03 25.56 11.72
N TYR C 54 0.36 24.63 12.59
CA TYR C 54 1.49 23.76 12.31
C TYR C 54 1.33 23.08 10.96
N LEU C 55 0.17 22.45 10.74
CA LEU C 55 -0.14 21.76 9.48
C LEU C 55 -0.10 22.71 8.29
N ALA C 56 -0.77 23.88 8.37
CA ALA C 56 -0.76 24.84 7.26
C ALA C 56 0.65 25.27 6.92
N ALA C 57 1.52 25.29 7.93
CA ALA C 57 2.92 25.62 7.75
C ALA C 57 3.66 24.52 7.02
N VAL C 58 3.38 23.24 7.37
CA VAL C 58 4.05 22.13 6.70
C VAL C 58 3.57 22.02 5.26
N LEU C 59 2.31 22.33 5.00
CA LEU C 59 1.83 22.21 3.64
C LEU C 59 2.41 23.32 2.79
N GLU C 60 2.44 24.53 3.34
CA GLU C 60 3.02 25.66 2.63
C GLU C 60 4.50 25.42 2.35
N TYR C 61 5.23 24.87 3.32
CA TYR C 61 6.64 24.54 3.11
C TYR C 61 6.80 23.58 1.93
N LEU C 62 6.12 22.43 1.97
CA LEU C 62 6.26 21.42 0.91
C LEU C 62 5.84 21.96 -0.46
N THR C 63 4.80 22.78 -0.50
CA THR C 63 4.44 23.43 -1.76
C THR C 63 5.57 24.29 -2.30
N ALA C 64 6.20 25.09 -1.42
CA ALA C 64 7.37 25.89 -1.78
C ALA C 64 8.53 25.04 -2.30
N GLU C 65 8.92 24.03 -1.53
CA GLU C 65 9.98 23.10 -1.92
C GLU C 65 9.76 22.47 -3.30
N ILE C 66 8.51 22.12 -3.66
CA ILE C 66 8.28 21.61 -5.01
C ILE C 66 8.35 22.72 -6.03
N LEU C 67 7.62 23.82 -5.79
CA LEU C 67 7.58 24.93 -6.73
C LEU C 67 8.98 25.43 -7.08
N GLU C 68 9.90 25.46 -6.11
CA GLU C 68 11.31 25.81 -6.37
C GLU C 68 11.92 24.94 -7.48
N LEU C 69 11.99 23.64 -7.23
CA LEU C 69 12.60 22.70 -8.19
C LEU C 69 11.85 22.68 -9.52
N ALA C 70 10.54 22.89 -9.49
CA ALA C 70 9.77 22.86 -10.72
C ALA C 70 10.01 24.10 -11.55
N GLY C 71 10.03 25.27 -10.91
CA GLY C 71 10.45 26.47 -11.62
C GLY C 71 11.85 26.34 -12.22
N ASN C 72 12.77 25.75 -11.46
CA ASN C 72 14.09 25.52 -12.03
C ASN C 72 14.01 24.66 -13.27
N ALA C 73 13.24 23.57 -13.21
CA ALA C 73 13.14 22.70 -14.37
C ALA C 73 12.44 23.39 -15.52
N ALA C 74 11.61 24.39 -15.21
CA ALA C 74 10.92 25.16 -16.25
C ALA C 74 11.86 26.09 -16.96
N ARG C 75 12.68 26.81 -16.18
CA ARG C 75 13.76 27.64 -16.72
C ARG C 75 14.72 26.82 -17.60
N ASP C 76 15.11 25.62 -17.15
CA ASP C 76 16.03 24.80 -17.95
C ASP C 76 15.46 24.50 -19.33
N ASN C 77 14.16 24.20 -19.42
CA ASN C 77 13.50 23.90 -20.69
C ASN C 77 13.16 25.17 -21.46
N LYS C 78 13.63 26.32 -20.98
CA LYS C 78 13.44 27.62 -21.62
C LYS C 78 11.98 28.10 -21.60
N LYS C 79 11.24 27.73 -20.55
CA LYS C 79 9.84 28.08 -20.43
C LYS C 79 9.60 28.90 -19.17
N THR C 80 8.60 29.77 -19.26
CA THR C 80 8.24 30.70 -18.21
C THR C 80 7.04 30.22 -17.41
N ARG C 81 6.41 29.12 -17.83
CA ARG C 81 5.25 28.58 -17.15
C ARG C 81 5.45 27.09 -16.84
N ILE C 82 5.24 26.71 -15.57
CA ILE C 82 5.35 25.31 -15.15
C ILE C 82 4.19 24.50 -15.67
N ILE C 83 4.52 23.44 -16.38
CA ILE C 83 3.53 22.51 -16.87
C ILE C 83 3.73 21.25 -16.03
N PRO C 84 2.81 20.26 -16.14
CA PRO C 84 2.96 19.00 -15.39
C PRO C 84 4.31 18.30 -15.59
N ARG C 85 4.90 18.39 -16.78
CA ARG C 85 6.21 17.80 -17.00
C ARG C 85 7.21 18.30 -15.99
N HIS C 86 7.32 19.62 -15.85
CA HIS C 86 8.32 20.21 -14.98
C HIS C 86 8.14 19.74 -13.55
N LEU C 87 6.88 19.57 -13.15
CA LEU C 87 6.53 19.01 -11.84
C LEU C 87 7.03 17.57 -11.71
N GLN C 88 6.85 16.76 -12.77
CA GLN C 88 7.35 15.39 -12.74
C GLN C 88 8.88 15.36 -12.67
N LEU C 89 9.54 16.18 -13.47
CA LEU C 89 11.00 16.31 -13.41
C LEU C 89 11.49 16.69 -12.01
N ALA C 90 10.85 17.69 -11.37
CA ALA C 90 11.22 18.10 -10.02
C ALA C 90 11.02 16.98 -9.02
N ILE C 91 9.91 16.26 -9.13
CA ILE C 91 9.66 15.17 -8.19
C ILE C 91 10.64 14.03 -8.39
N ARG C 92 10.91 13.69 -9.64
CA ARG C 92 11.64 12.45 -9.86
C ARG C 92 13.13 12.59 -9.70
N ASN C 93 13.69 13.80 -9.92
CA ASN C 93 15.13 13.97 -9.72
C ASN C 93 15.49 14.26 -8.28
N ASP C 94 14.58 14.80 -7.47
CA ASP C 94 14.85 14.93 -6.04
C ASP C 94 14.57 13.64 -5.30
N GLU C 95 15.56 13.12 -4.59
CA GLU C 95 15.47 11.83 -3.94
C GLU C 95 14.32 11.76 -2.95
N GLU C 96 14.16 12.79 -2.13
CA GLU C 96 13.20 12.77 -1.04
C GLU C 96 11.75 12.99 -1.49
N LEU C 97 11.55 13.80 -2.53
CA LEU C 97 10.22 14.01 -3.04
C LEU C 97 9.78 12.81 -3.80
N ASN C 98 10.74 12.14 -4.42
CA ASN C 98 10.43 10.88 -5.06
C ASN C 98 10.02 9.85 -4.02
N LYS C 99 10.74 9.78 -2.90
CA LYS C 99 10.30 8.86 -1.85
C LYS C 99 8.90 9.23 -1.38
N LEU C 100 8.60 10.54 -1.29
CA LEU C 100 7.31 10.98 -0.73
C LEU C 100 6.20 10.76 -1.71
N LEU C 101 6.49 10.83 -2.99
CA LEU C 101 5.50 10.62 -4.02
C LEU C 101 5.80 9.33 -4.81
N GLY C 102 6.29 8.30 -4.11
CA GLY C 102 6.69 7.07 -4.78
C GLY C 102 5.52 6.33 -5.39
N ARG C 103 4.36 6.39 -4.77
CA ARG C 103 3.21 5.68 -5.26
C ARG C 103 2.18 6.62 -5.86
N VAL C 104 2.64 7.80 -6.28
CA VAL C 104 1.79 8.84 -6.85
C VAL C 104 2.12 9.01 -8.31
N THR C 105 1.09 9.17 -9.13
CA THR C 105 1.22 9.31 -10.59
C THR C 105 0.82 10.70 -11.02
N ILE C 106 1.76 11.41 -11.68
CA ILE C 106 1.54 12.79 -12.11
C ILE C 106 1.04 12.77 -13.56
N ALA C 107 -0.25 13.04 -13.72
CA ALA C 107 -0.86 13.05 -15.03
C ALA C 107 -0.14 14.02 -15.94
N GLN C 108 0.04 13.63 -17.19
CA GLN C 108 0.69 14.41 -18.23
C GLN C 108 2.17 14.70 -17.89
N GLY C 109 2.75 13.83 -17.08
CA GLY C 109 4.05 14.01 -16.50
C GLY C 109 5.16 13.29 -17.18
N GLY C 110 4.91 12.22 -17.91
CA GLY C 110 6.00 11.54 -18.61
C GLY C 110 6.94 10.79 -17.68
N VAL C 111 8.03 10.29 -18.26
CA VAL C 111 9.04 9.64 -17.43
C VAL C 111 10.35 10.43 -17.48
N LEU C 112 11.32 10.05 -16.60
CA LEU C 112 12.63 10.66 -16.73
C LEU C 112 13.39 9.98 -17.87
N PRO C 113 14.13 10.71 -18.72
CA PRO C 113 14.98 10.04 -19.71
C PRO C 113 15.91 9.08 -19.01
N ASN C 114 15.85 7.81 -19.41
CA ASN C 114 16.69 6.79 -18.82
C ASN C 114 16.71 5.57 -19.71
N ILE C 115 17.86 5.34 -20.35
CA ILE C 115 18.11 4.15 -21.16
C ILE C 115 19.12 3.28 -20.44
N GLN C 116 18.77 2.00 -20.25
CA GLN C 116 19.67 1.06 -19.63
C GLN C 116 20.96 0.98 -20.43
N ALA C 117 22.09 0.93 -19.73
CA ALA C 117 23.39 1.01 -20.41
C ALA C 117 23.59 -0.15 -21.38
N VAL C 118 23.19 -1.36 -20.97
CA VAL C 118 23.31 -2.59 -21.75
C VAL C 118 22.80 -2.47 -23.17
N LEU C 119 21.90 -1.51 -23.39
CA LEU C 119 21.19 -1.45 -24.66
C LEU C 119 21.85 -0.53 -25.66
N LEU C 120 22.86 0.22 -25.25
CA LEU C 120 23.43 1.27 -26.06
C LEU C 120 24.43 0.74 -27.09
N PRO C 121 24.56 1.44 -28.21
CA PRO C 121 25.48 1.01 -29.27
C PRO C 121 26.87 0.69 -28.77
N LYS C 122 27.24 -0.59 -28.85
CA LYS C 122 28.55 -1.04 -28.42
C LYS C 122 29.65 -0.39 -29.26
N ARG D 35 -22.19 28.71 -8.97
CA ARG D 35 -23.15 27.85 -8.27
C ARG D 35 -23.18 26.42 -8.83
N GLY D 36 -22.72 25.48 -8.00
CA GLY D 36 -22.23 25.80 -6.66
C GLY D 36 -20.72 25.94 -6.54
N ARG D 37 -20.26 26.84 -5.69
CA ARG D 37 -18.85 27.16 -5.59
C ARG D 37 -18.05 26.07 -4.87
N LYS D 38 -16.87 25.77 -5.41
CA LYS D 38 -16.00 24.71 -4.90
C LYS D 38 -14.61 25.28 -4.62
N GLU D 39 -14.10 25.05 -3.41
CA GLU D 39 -12.81 25.61 -3.04
C GLU D 39 -11.66 24.81 -3.63
N SER D 40 -10.45 25.37 -3.47
CA SER D 40 -9.16 24.76 -3.85
C SER D 40 -8.07 25.59 -3.19
N TYR D 41 -6.81 25.20 -3.38
CA TYR D 41 -5.66 25.88 -2.80
C TYR D 41 -4.95 26.78 -3.80
N SER D 42 -5.57 27.05 -4.95
CA SER D 42 -4.85 27.72 -6.05
C SER D 42 -4.36 29.10 -5.68
N ILE D 43 -5.12 29.81 -4.85
CA ILE D 43 -4.77 31.17 -4.44
C ILE D 43 -3.48 31.18 -3.63
N TYR D 44 -3.25 30.12 -2.85
CA TYR D 44 -2.10 30.01 -1.98
C TYR D 44 -0.92 29.40 -2.72
N VAL D 45 -1.20 28.43 -3.57
CA VAL D 45 -0.13 27.86 -4.37
C VAL D 45 0.44 28.94 -5.26
N TYR D 46 -0.43 29.77 -5.82
CA TYR D 46 0.07 30.88 -6.62
C TYR D 46 0.86 31.86 -5.77
N LYS D 47 0.41 32.16 -4.55
CA LYS D 47 1.18 33.06 -3.70
C LYS D 47 2.60 32.52 -3.51
N VAL D 48 2.72 31.26 -3.08
CA VAL D 48 4.05 30.69 -2.83
C VAL D 48 4.85 30.57 -4.13
N LEU D 49 4.19 30.47 -5.27
CA LEU D 49 4.93 30.41 -6.52
C LEU D 49 5.57 31.75 -6.83
N LYS D 50 4.84 32.85 -6.64
CA LYS D 50 5.43 34.16 -6.86
C LYS D 50 6.48 34.52 -5.81
N GLN D 51 6.43 33.89 -4.63
CA GLN D 51 7.53 34.03 -3.69
C GLN D 51 8.82 33.37 -4.22
N VAL D 52 8.78 32.07 -4.54
CA VAL D 52 10.06 31.41 -4.83
C VAL D 52 10.63 31.82 -6.20
N HIS D 53 9.76 31.93 -7.22
CA HIS D 53 10.12 32.30 -8.60
C HIS D 53 9.21 33.41 -9.15
N PRO D 54 9.45 34.67 -8.81
CA PRO D 54 8.45 35.72 -9.13
C PRO D 54 8.25 35.96 -10.63
N ASP D 55 9.11 35.40 -11.47
CA ASP D 55 9.05 35.52 -12.92
C ASP D 55 8.23 34.42 -13.60
N THR D 56 8.04 33.27 -12.96
CA THR D 56 7.38 32.11 -13.55
C THR D 56 5.88 32.10 -13.22
N GLY D 57 5.09 31.44 -14.08
CA GLY D 57 3.67 31.25 -13.89
C GLY D 57 3.35 29.76 -13.92
N ILE D 58 2.06 29.41 -13.81
CA ILE D 58 1.71 28.00 -13.71
C ILE D 58 0.41 27.69 -14.45
N SER D 59 0.48 26.69 -15.34
CA SER D 59 -0.67 26.23 -16.12
C SER D 59 -1.69 25.57 -15.21
N SER D 60 -2.95 25.56 -15.66
CA SER D 60 -4.03 25.09 -14.78
C SER D 60 -3.93 23.61 -14.55
N LYS D 61 -3.49 22.85 -15.58
CA LYS D 61 -3.23 21.42 -15.40
C LYS D 61 -2.19 21.17 -14.31
N ALA D 62 -1.12 21.97 -14.29
CA ALA D 62 -0.15 21.87 -13.21
C ALA D 62 -0.70 22.39 -11.90
N MET D 63 -1.62 23.35 -11.94
CA MET D 63 -2.23 23.81 -10.71
C MET D 63 -3.08 22.70 -10.11
N GLY D 64 -3.75 21.93 -10.97
CA GLY D 64 -4.50 20.78 -10.50
C GLY D 64 -3.58 19.75 -9.87
N ILE D 65 -2.40 19.56 -10.46
CA ILE D 65 -1.48 18.59 -9.87
C ILE D 65 -1.06 19.07 -8.48
N MET D 66 -0.84 20.37 -8.34
CA MET D 66 -0.42 20.91 -7.04
C MET D 66 -1.55 20.78 -6.03
N ASN D 67 -2.77 21.12 -6.43
CA ASN D 67 -3.93 21.01 -5.57
C ASN D 67 -4.06 19.58 -5.07
N SER D 68 -3.90 18.63 -5.99
CA SER D 68 -3.93 17.21 -5.64
C SER D 68 -2.87 16.88 -4.60
N PHE D 69 -1.69 17.49 -4.73
CA PHE D 69 -0.59 17.21 -3.80
C PHE D 69 -0.88 17.77 -2.40
N VAL D 70 -1.41 18.98 -2.33
CA VAL D 70 -1.71 19.57 -1.03
C VAL D 70 -2.78 18.74 -0.30
N ASN D 71 -3.82 18.29 -1.07
CA ASN D 71 -4.93 17.49 -0.51
C ASN D 71 -4.45 16.11 -0.07
N ASP D 72 -3.61 15.49 -0.89
CA ASP D 72 -3.03 14.22 -0.49
C ASP D 72 -2.25 14.36 0.82
N ILE D 73 -1.26 15.27 0.86
CA ILE D 73 -0.42 15.38 2.06
C ILE D 73 -1.23 15.81 3.27
N PHE D 74 -2.20 16.73 3.08
CA PHE D 74 -3.13 17.06 4.16
C PHE D 74 -3.72 15.79 4.76
N GLU D 75 -4.28 14.93 3.89
CA GLU D 75 -4.93 13.71 4.34
C GLU D 75 -3.97 12.79 5.07
N ARG D 76 -2.79 12.56 4.47
CA ARG D 76 -1.81 11.67 5.10
C ARG D 76 -1.48 12.12 6.49
N ILE D 77 -1.19 13.43 6.64
CA ILE D 77 -0.77 13.98 7.93
C ILE D 77 -1.92 13.91 8.93
N ALA D 78 -3.08 14.42 8.54
CA ALA D 78 -4.21 14.50 9.47
C ALA D 78 -4.61 13.12 9.95
N SER D 79 -4.60 12.12 9.07
CA SER D 79 -5.02 10.81 9.49
C SER D 79 -3.96 10.04 10.28
N GLU D 80 -2.68 10.18 9.93
CA GLU D 80 -1.66 9.60 10.80
C GLU D 80 -1.72 10.22 12.20
N ALA D 81 -2.00 11.53 12.27
CA ALA D 81 -2.16 12.20 13.56
C ALA D 81 -3.38 11.70 14.29
N SER D 82 -4.46 11.49 13.55
CA SER D 82 -5.66 10.89 14.10
C SER D 82 -5.33 9.58 14.79
N ARG D 83 -4.57 8.74 14.11
CA ARG D 83 -4.18 7.47 14.67
C ARG D 83 -3.31 7.63 15.91
N LEU D 84 -2.39 8.60 15.89
CA LEU D 84 -1.57 8.88 17.07
C LEU D 84 -2.41 9.20 18.30
N ALA D 85 -3.32 10.17 18.16
CA ALA D 85 -4.20 10.56 19.24
C ALA D 85 -5.07 9.41 19.70
N HIS D 86 -5.43 8.50 18.79
CA HIS D 86 -6.27 7.40 19.21
C HIS D 86 -5.47 6.33 19.95
N TYR D 87 -4.28 5.98 19.47
CA TYR D 87 -3.41 5.02 20.17
C TYR D 87 -3.12 5.42 21.60
N ASN D 88 -3.04 6.72 21.86
CA ASN D 88 -2.72 7.27 23.17
C ASN D 88 -3.97 7.76 23.90
N LYS D 89 -5.16 7.33 23.49
CA LYS D 89 -6.39 7.56 24.24
C LYS D 89 -6.68 9.03 24.46
N ARG D 90 -6.19 9.89 23.57
CA ARG D 90 -6.41 11.32 23.67
C ARG D 90 -7.44 11.78 22.65
N SER D 91 -8.46 12.48 23.13
CA SER D 91 -9.56 12.97 22.31
C SER D 91 -9.18 14.18 21.47
N THR D 92 -7.97 14.69 21.60
CA THR D 92 -7.58 15.93 20.95
C THR D 92 -6.31 15.74 20.13
N ILE D 93 -6.33 16.24 18.90
CA ILE D 93 -5.17 16.35 18.04
C ILE D 93 -4.56 17.73 18.27
N THR D 94 -3.33 17.77 18.81
CA THR D 94 -2.65 19.04 19.05
C THR D 94 -1.57 19.27 17.99
N SER D 95 -0.92 20.42 18.05
CA SER D 95 0.24 20.61 17.18
C SER D 95 1.30 19.53 17.42
N ARG D 96 1.31 18.90 18.60
CA ARG D 96 2.27 17.82 18.85
C ARG D 96 1.97 16.54 18.05
N GLU D 97 0.68 16.22 17.88
CA GLU D 97 0.32 15.07 17.05
C GLU D 97 0.71 15.31 15.60
N VAL D 98 0.28 16.43 15.02
CA VAL D 98 0.73 16.87 13.71
C VAL D 98 2.26 16.79 13.60
N GLN D 99 2.96 17.14 14.67
CA GLN D 99 4.41 17.17 14.71
C GLN D 99 5.01 15.78 14.46
N THR D 100 4.70 14.81 15.34
CA THR D 100 5.29 13.49 15.13
C THR D 100 4.70 12.80 13.91
N ALA D 101 3.48 13.13 13.53
CA ALA D 101 2.97 12.67 12.25
C ALA D 101 3.92 13.09 11.14
N VAL D 102 4.32 14.36 11.12
CA VAL D 102 5.28 14.80 10.10
C VAL D 102 6.58 14.01 10.21
N ARG D 103 7.06 13.78 11.44
CA ARG D 103 8.31 13.02 11.58
C ARG D 103 8.21 11.64 10.97
N LEU D 104 7.06 10.98 11.20
CA LEU D 104 6.81 9.62 10.77
C LEU D 104 6.66 9.53 9.28
N LEU D 105 6.08 10.56 8.70
CA LEU D 105 5.58 10.49 7.35
C LEU D 105 6.48 11.14 6.31
N LEU D 106 7.24 12.16 6.67
CA LEU D 106 8.14 12.80 5.72
C LEU D 106 9.53 12.20 5.80
N PRO D 107 10.19 11.93 4.66
CA PRO D 107 11.56 11.43 4.70
C PRO D 107 12.43 12.52 5.27
N GLY D 108 13.58 12.14 5.84
CA GLY D 108 14.43 13.11 6.57
C GLY D 108 14.77 14.38 5.82
N GLU D 109 15.39 15.37 6.46
CA GLU D 109 15.67 16.66 5.81
C GLU D 109 14.40 17.36 5.33
N LEU D 110 13.54 16.72 4.54
CA LEU D 110 12.22 17.32 4.35
C LEU D 110 11.50 17.40 5.67
N ALA D 111 11.75 16.40 6.53
CA ALA D 111 11.11 16.38 7.84
C ALA D 111 11.74 17.43 8.73
N LYS D 112 13.07 17.48 8.74
CA LYS D 112 13.78 18.47 9.54
C LYS D 112 13.31 19.85 9.18
N HIS D 113 13.34 20.18 7.90
CA HIS D 113 12.97 21.52 7.48
C HIS D 113 11.49 21.78 7.74
N ALA D 114 10.65 20.75 7.56
CA ALA D 114 9.21 20.93 7.80
C ALA D 114 8.93 21.23 9.26
N VAL D 115 9.34 20.35 10.17
CA VAL D 115 9.18 20.54 11.61
C VAL D 115 9.69 21.92 12.02
N SER D 116 10.79 22.36 11.40
CA SER D 116 11.30 23.69 11.68
C SER D 116 10.28 24.76 11.35
N GLU D 117 9.85 24.85 10.09
CA GLU D 117 8.87 25.90 9.74
C GLU D 117 7.55 25.76 10.50
N GLY D 118 7.20 24.56 10.92
CA GLY D 118 5.95 24.39 11.62
C GLY D 118 6.04 24.95 13.02
N THR D 119 7.10 24.59 13.75
CA THR D 119 7.32 25.13 15.08
C THR D 119 7.46 26.65 15.01
N LYS D 120 8.21 27.12 14.02
CA LYS D 120 8.33 28.57 13.81
C LYS D 120 6.94 29.19 13.75
N ALA D 121 6.07 28.68 12.89
CA ALA D 121 4.77 29.34 12.75
C ALA D 121 3.93 29.23 14.01
N VAL D 122 4.08 28.15 14.78
CA VAL D 122 3.20 27.99 15.95
C VAL D 122 3.63 28.87 17.10
N THR D 123 4.94 28.97 17.37
CA THR D 123 5.40 29.95 18.35
C THR D 123 5.01 31.37 17.92
N LYS D 124 5.33 31.77 16.68
CA LYS D 124 4.92 33.11 16.24
C LYS D 124 3.41 33.35 16.40
N TYR D 125 2.58 32.32 16.18
CA TYR D 125 1.13 32.49 16.30
C TYR D 125 0.74 32.85 17.72
N THR D 126 1.26 32.12 18.70
CA THR D 126 0.92 32.25 20.12
C THR D 126 1.65 33.44 20.76
N SER D 127 2.02 34.41 19.94
CA SER D 127 2.47 35.69 20.44
C SER D 127 1.39 36.70 20.10
N SER D 128 0.14 36.33 20.47
CA SER D 128 -1.15 36.68 19.82
C SER D 128 -1.09 36.96 18.31
N PRO E 42 19.75 1.79 -51.35
CA PRO E 42 19.19 2.85 -50.50
C PRO E 42 19.82 2.88 -49.11
N HIS E 43 19.29 3.74 -48.25
CA HIS E 43 19.71 3.81 -46.85
C HIS E 43 18.96 2.78 -46.02
N ARG E 44 19.56 2.44 -44.88
CA ARG E 44 18.99 1.44 -44.00
C ARG E 44 19.64 1.56 -42.63
N TYR E 45 18.85 1.81 -41.59
CA TYR E 45 19.39 1.81 -40.23
C TYR E 45 19.39 0.39 -39.69
N ARG E 46 20.43 0.06 -38.99
CA ARG E 46 20.61 -1.30 -38.48
C ARG E 46 19.63 -1.62 -37.35
N PRO E 47 19.22 -2.91 -37.23
CA PRO E 47 18.32 -3.29 -36.13
C PRO E 47 18.83 -2.78 -34.80
N GLY E 48 18.00 -1.93 -34.22
CA GLY E 48 18.25 -1.33 -32.93
C GLY E 48 18.36 0.18 -32.95
N THR E 49 18.81 0.76 -34.07
CA THR E 49 19.07 2.19 -34.09
C THR E 49 17.78 2.98 -33.98
N VAL E 50 16.78 2.59 -34.74
CA VAL E 50 15.53 3.29 -34.63
C VAL E 50 14.82 2.91 -33.34
N ALA E 51 15.06 1.70 -32.81
CA ALA E 51 14.52 1.36 -31.50
C ALA E 51 14.92 2.39 -30.47
N LEU E 52 16.24 2.67 -30.37
CA LEU E 52 16.79 3.67 -29.45
C LEU E 52 16.37 5.09 -29.80
N ARG E 53 16.11 5.34 -31.09
CA ARG E 53 15.62 6.65 -31.50
C ARG E 53 14.25 6.88 -30.87
N GLU E 54 13.43 5.83 -30.89
CA GLU E 54 12.09 5.85 -30.31
C GLU E 54 12.11 5.94 -28.79
N ILE E 55 12.97 5.16 -28.11
CA ILE E 55 13.05 5.31 -26.65
C ILE E 55 13.36 6.77 -26.30
N ARG E 56 14.39 7.33 -26.94
CA ARG E 56 14.72 8.74 -26.71
C ARG E 56 13.53 9.64 -26.98
N ARG E 57 12.73 9.32 -28.00
CA ARG E 57 11.61 10.19 -28.39
C ARG E 57 10.43 10.11 -27.43
N TYR E 58 10.02 8.90 -27.07
CA TYR E 58 8.83 8.77 -26.24
C TYR E 58 9.12 9.03 -24.78
N GLN E 59 10.40 8.97 -24.35
CA GLN E 59 10.75 9.38 -23.00
C GLN E 59 10.81 10.90 -22.84
N LYS E 60 11.05 11.65 -23.91
CA LYS E 60 11.09 13.11 -23.87
C LYS E 60 9.69 13.73 -23.85
N ALA E 61 8.69 12.97 -24.32
CA ALA E 61 7.30 13.40 -24.43
C ALA E 61 6.50 13.11 -23.16
N THR E 62 5.28 13.68 -23.13
CA THR E 62 4.27 13.36 -22.11
C THR E 62 2.90 13.05 -22.73
N GLU E 63 2.79 13.07 -24.06
CA GLU E 63 1.55 12.71 -24.74
C GLU E 63 1.16 11.28 -24.40
N LEU E 64 -0.16 11.02 -24.44
CA LEU E 64 -0.71 9.67 -24.33
C LEU E 64 -0.44 8.84 -25.59
N LEU E 65 -0.15 7.56 -25.42
CA LEU E 65 0.27 6.76 -26.57
C LEU E 65 -0.78 5.79 -27.11
N ILE E 66 -1.90 5.64 -26.44
CA ILE E 66 -3.01 4.84 -26.89
C ILE E 66 -4.01 5.81 -27.49
N ARG E 67 -4.63 5.41 -28.60
CA ARG E 67 -5.57 6.27 -29.31
C ARG E 67 -6.83 6.47 -28.49
N LYS E 68 -7.35 7.69 -28.52
CA LYS E 68 -8.42 8.05 -27.59
C LYS E 68 -9.66 7.21 -27.81
N LEU E 69 -10.14 7.15 -29.07
CA LEU E 69 -11.41 6.47 -29.32
C LEU E 69 -11.32 4.98 -28.99
N PRO E 70 -10.33 4.22 -29.48
CA PRO E 70 -10.27 2.79 -29.13
C PRO E 70 -10.24 2.54 -27.63
N PHE E 71 -9.48 3.35 -26.89
CA PHE E 71 -9.44 3.19 -25.45
C PHE E 71 -10.83 3.43 -24.88
N GLN E 72 -11.50 4.49 -25.36
CA GLN E 72 -12.82 4.81 -24.82
C GLN E 72 -13.80 3.67 -25.04
N ARG E 73 -13.75 3.01 -26.22
CA ARG E 73 -14.60 1.86 -26.55
C ARG E 73 -14.32 0.68 -25.61
N LEU E 74 -13.06 0.28 -25.51
CA LEU E 74 -12.65 -0.71 -24.52
C LEU E 74 -13.17 -0.46 -23.11
N VAL E 75 -12.97 0.78 -22.60
CA VAL E 75 -13.43 1.16 -21.26
C VAL E 75 -14.94 1.00 -21.15
N ARG E 76 -15.70 1.48 -22.15
CA ARG E 76 -17.16 1.42 -22.09
C ARG E 76 -17.68 -0.02 -22.14
N GLU E 77 -16.98 -0.90 -22.87
CA GLU E 77 -17.28 -2.32 -22.88
C GLU E 77 -17.03 -2.96 -21.52
N ILE E 78 -15.84 -2.74 -20.96
CA ILE E 78 -15.52 -3.31 -19.64
C ILE E 78 -16.48 -2.80 -18.59
N ALA E 79 -16.98 -1.59 -18.76
CA ALA E 79 -17.90 -1.08 -17.76
C ALA E 79 -19.27 -1.63 -17.99
N GLN E 80 -19.64 -1.71 -19.27
CA GLN E 80 -20.92 -2.29 -19.65
C GLN E 80 -21.06 -3.71 -19.16
N ASP E 81 -19.98 -4.46 -19.20
CA ASP E 81 -20.20 -5.83 -18.79
C ASP E 81 -20.19 -5.93 -17.19
N PHE E 82 -20.34 -4.79 -16.49
CA PHE E 82 -20.44 -4.66 -15.02
C PHE E 82 -21.74 -4.03 -14.52
N LYS E 83 -22.14 -2.93 -15.14
CA LYS E 83 -23.40 -2.25 -14.94
C LYS E 83 -23.93 -1.74 -16.30
N THR E 84 -25.24 -1.60 -16.43
CA THR E 84 -25.86 -1.35 -17.72
C THR E 84 -26.19 0.12 -17.95
N ASP E 85 -26.14 0.54 -19.24
CA ASP E 85 -26.38 1.90 -19.71
C ASP E 85 -26.05 2.94 -18.63
N LEU E 86 -24.74 3.07 -18.35
CA LEU E 86 -24.16 4.12 -17.53
C LEU E 86 -23.28 5.02 -18.41
N ARG E 87 -23.27 6.30 -18.06
CA ARG E 87 -22.56 7.39 -18.70
C ARG E 87 -21.14 7.53 -18.15
N PHE E 88 -20.29 8.24 -18.90
CA PHE E 88 -18.94 8.51 -18.44
C PHE E 88 -18.60 9.98 -18.60
N GLN E 89 -18.20 10.65 -17.52
CA GLN E 89 -17.62 11.98 -17.69
C GLN E 89 -16.37 11.88 -18.56
N SER E 90 -16.17 12.85 -19.45
CA SER E 90 -15.00 12.80 -20.32
C SER E 90 -13.72 12.69 -19.49
N ALA E 91 -13.66 13.45 -18.40
CA ALA E 91 -12.49 13.43 -17.52
C ALA E 91 -12.25 12.07 -16.90
N ALA E 92 -13.29 11.24 -16.75
CA ALA E 92 -13.05 9.96 -16.10
C ALA E 92 -12.45 8.96 -17.07
N ILE E 93 -12.75 9.09 -18.34
CA ILE E 93 -12.04 8.25 -19.29
C ILE E 93 -10.61 8.74 -19.41
N GLY E 94 -10.41 10.06 -19.39
CA GLY E 94 -9.06 10.57 -19.40
C GLY E 94 -8.27 10.18 -18.16
N ALA E 95 -8.92 10.07 -17.00
CA ALA E 95 -8.24 9.62 -15.79
C ALA E 95 -7.86 8.16 -15.91
N LEU E 96 -8.78 7.35 -16.44
CA LEU E 96 -8.51 5.94 -16.65
C LEU E 96 -7.34 5.74 -17.60
N GLN E 97 -7.19 6.64 -18.58
CA GLN E 97 -6.17 6.42 -19.59
C GLN E 97 -4.82 6.88 -19.10
N GLU E 98 -4.80 7.99 -18.35
CA GLU E 98 -3.59 8.48 -17.74
C GLU E 98 -3.04 7.41 -16.83
N ALA E 99 -3.91 6.87 -15.97
CA ALA E 99 -3.51 5.88 -14.99
C ALA E 99 -3.06 4.60 -15.65
N SER E 100 -3.68 4.23 -16.78
CA SER E 100 -3.43 2.94 -17.44
C SER E 100 -2.14 2.95 -18.22
N GLU E 101 -1.92 4.01 -19.02
CA GLU E 101 -0.64 4.13 -19.69
C GLU E 101 0.48 4.24 -18.67
N ALA E 102 0.27 5.04 -17.62
CA ALA E 102 1.23 5.14 -16.54
C ALA E 102 1.58 3.77 -15.96
N TYR E 103 0.56 3.02 -15.55
CA TYR E 103 0.75 1.65 -15.07
C TYR E 103 1.56 0.79 -16.05
N LEU E 104 1.16 0.75 -17.32
CA LEU E 104 1.81 -0.17 -18.25
C LEU E 104 3.25 0.21 -18.54
N VAL E 105 3.54 1.52 -18.65
CA VAL E 105 4.91 2.00 -18.85
C VAL E 105 5.79 1.62 -17.66
N GLY E 106 5.28 1.76 -16.44
CA GLY E 106 6.06 1.30 -15.30
C GLY E 106 6.30 -0.21 -15.30
N LEU E 107 5.29 -0.97 -15.73
CA LEU E 107 5.45 -2.42 -15.87
C LEU E 107 6.48 -2.77 -16.93
N PHE E 108 6.58 -1.98 -18.00
CA PHE E 108 7.59 -2.25 -19.00
C PHE E 108 9.01 -1.98 -18.48
N GLU E 109 9.18 -0.92 -17.68
CA GLU E 109 10.48 -0.69 -17.03
C GLU E 109 10.91 -1.93 -16.25
N ASP E 110 10.02 -2.42 -15.38
CA ASP E 110 10.35 -3.59 -14.57
C ASP E 110 10.57 -4.83 -15.46
N THR E 111 9.74 -4.99 -16.49
CA THR E 111 9.90 -6.10 -17.43
C THR E 111 11.27 -6.08 -18.04
N ASN E 112 11.68 -4.93 -18.56
CA ASN E 112 13.00 -4.76 -19.16
C ASN E 112 14.11 -5.16 -18.20
N LEU E 113 14.03 -4.75 -16.94
CA LEU E 113 15.10 -5.17 -16.03
C LEU E 113 15.10 -6.67 -15.84
N CYS E 114 13.94 -7.31 -15.89
CA CYS E 114 13.93 -8.77 -15.81
C CYS E 114 14.58 -9.43 -17.05
N ALA E 115 14.38 -8.84 -18.22
CA ALA E 115 15.03 -9.34 -19.42
C ALA E 115 16.56 -9.16 -19.33
N ILE E 116 17.03 -7.94 -19.06
CA ILE E 116 18.45 -7.72 -18.85
C ILE E 116 19.00 -8.72 -17.83
N HIS E 117 18.30 -8.88 -16.71
CA HIS E 117 18.77 -9.79 -15.66
C HIS E 117 18.97 -11.20 -16.16
N ALA E 118 18.15 -11.65 -17.12
CA ALA E 118 18.36 -12.95 -17.75
C ALA E 118 19.28 -12.86 -18.97
N LYS E 119 20.15 -11.86 -19.00
CA LYS E 119 21.13 -11.69 -20.06
C LYS E 119 20.50 -11.59 -21.45
N ARG E 120 19.28 -11.07 -21.54
CA ARG E 120 18.63 -10.82 -22.82
C ARG E 120 18.37 -9.34 -23.01
N VAL E 121 17.86 -8.99 -24.19
CA VAL E 121 17.55 -7.62 -24.56
C VAL E 121 16.15 -7.49 -25.12
N THR E 122 15.55 -8.63 -25.48
CA THR E 122 14.18 -8.78 -25.93
C THR E 122 13.32 -9.07 -24.71
N ILE E 123 12.27 -8.27 -24.50
CA ILE E 123 11.32 -8.57 -23.44
C ILE E 123 10.38 -9.67 -23.95
N MET E 124 10.10 -10.63 -23.07
CA MET E 124 9.26 -11.78 -23.33
C MET E 124 8.15 -11.86 -22.29
N PRO E 125 7.10 -12.64 -22.53
CA PRO E 125 6.06 -12.82 -21.50
C PRO E 125 6.61 -13.37 -20.18
N LYS E 126 7.62 -14.23 -20.25
CA LYS E 126 8.22 -14.78 -19.04
C LYS E 126 8.65 -13.66 -18.11
N ASP E 127 9.15 -12.56 -18.70
CA ASP E 127 9.64 -11.39 -17.97
C ASP E 127 8.49 -10.63 -17.29
N ILE E 128 7.42 -10.35 -18.04
CA ILE E 128 6.26 -9.67 -17.46
C ILE E 128 5.71 -10.46 -16.29
N GLN E 129 5.60 -11.80 -16.45
CA GLN E 129 5.00 -12.63 -15.41
C GLN E 129 5.85 -12.65 -14.13
N LEU E 130 7.18 -12.56 -14.28
CA LEU E 130 8.06 -12.38 -13.13
C LEU E 130 7.88 -11.01 -12.48
N ALA E 131 7.89 -9.95 -13.30
CA ALA E 131 7.75 -8.59 -12.79
C ALA E 131 6.49 -8.46 -11.96
N ARG E 132 5.35 -8.91 -12.49
CA ARG E 132 4.10 -8.85 -11.75
C ARG E 132 4.17 -9.71 -10.51
N ARG E 133 4.75 -10.92 -10.62
CA ARG E 133 4.81 -11.82 -9.47
C ARG E 133 5.51 -11.17 -8.28
N ILE E 134 6.65 -10.52 -8.53
CA ILE E 134 7.37 -9.85 -7.44
C ILE E 134 6.63 -8.63 -6.92
N ARG E 135 5.99 -7.87 -7.82
CA ARG E 135 5.16 -6.74 -7.44
C ARG E 135 4.01 -7.14 -6.50
N GLY E 136 3.62 -8.41 -6.49
CA GLY E 136 2.47 -8.86 -5.73
C GLY E 136 1.20 -8.95 -6.55
N GLU E 137 1.17 -8.36 -7.75
CA GLU E 137 -0.05 -8.27 -8.54
C GLU E 137 -0.70 -9.60 -8.86
N ARG E 138 0.06 -10.68 -8.94
CA ARG E 138 -0.62 -11.95 -9.16
C ARG E 138 -0.03 -13.03 -8.26
N ALA E 139 1.30 -12.98 -8.05
CA ALA E 139 2.06 -14.05 -7.37
C ALA E 139 1.52 -15.48 -7.67
N LYS F 24 -25.58 0.64 -29.92
CA LYS F 24 -24.70 -0.28 -30.71
C LYS F 24 -23.77 -1.25 -29.91
N VAL F 25 -23.61 -2.50 -30.38
CA VAL F 25 -22.96 -3.54 -29.57
C VAL F 25 -21.45 -3.36 -29.57
N LEU F 26 -20.84 -3.59 -28.40
CA LEU F 26 -19.41 -3.44 -28.17
C LEU F 26 -18.76 -4.80 -27.94
N ARG F 27 -17.83 -5.17 -28.80
CA ARG F 27 -17.19 -6.47 -28.76
C ARG F 27 -15.72 -6.37 -29.14
N ASP F 28 -14.91 -7.27 -28.57
CA ASP F 28 -13.54 -7.50 -29.04
C ASP F 28 -12.75 -6.20 -29.13
N ASN F 29 -12.87 -5.38 -28.06
CA ASN F 29 -12.35 -4.03 -28.11
C ASN F 29 -10.94 -3.91 -27.59
N ILE F 30 -10.49 -4.88 -26.81
CA ILE F 30 -9.09 -4.94 -26.42
C ILE F 30 -8.21 -5.03 -27.65
N GLN F 31 -8.74 -5.48 -28.80
CA GLN F 31 -7.94 -5.54 -30.03
C GLN F 31 -7.66 -4.16 -30.62
N GLY F 32 -8.30 -3.13 -30.09
CA GLY F 32 -8.07 -1.76 -30.51
C GLY F 32 -6.88 -1.18 -29.86
N ILE F 33 -6.37 -1.84 -28.83
CA ILE F 33 -5.10 -1.49 -28.27
C ILE F 33 -4.08 -2.03 -29.27
N THR F 34 -3.73 -1.19 -30.24
CA THR F 34 -2.94 -1.56 -31.41
C THR F 34 -1.58 -2.10 -31.05
N LYS F 35 -1.02 -2.96 -31.91
CA LYS F 35 0.37 -3.35 -31.70
C LYS F 35 1.33 -2.15 -31.71
N PRO F 36 1.18 -1.13 -32.56
CA PRO F 36 2.13 0.00 -32.48
C PRO F 36 2.02 0.78 -31.19
N ALA F 37 0.83 0.84 -30.59
CA ALA F 37 0.68 1.60 -29.36
C ALA F 37 1.30 0.85 -28.21
N ILE F 38 1.20 -0.48 -28.20
CA ILE F 38 1.89 -1.22 -27.17
C ILE F 38 3.38 -1.05 -27.33
N ARG F 39 3.86 -0.88 -28.58
CA ARG F 39 5.29 -0.63 -28.78
C ARG F 39 5.68 0.70 -28.17
N ARG F 40 4.90 1.75 -28.44
CA ARG F 40 5.21 3.07 -27.92
C ARG F 40 5.27 3.06 -26.39
N LEU F 41 4.30 2.41 -25.76
CA LEU F 41 4.34 2.29 -24.31
C LEU F 41 5.62 1.57 -23.88
N ALA F 42 6.05 0.56 -24.61
CA ALA F 42 7.28 -0.12 -24.19
C ALA F 42 8.52 0.74 -24.38
N ARG F 43 8.52 1.66 -25.37
CA ARG F 43 9.63 2.59 -25.59
C ARG F 43 9.75 3.57 -24.44
N ARG F 44 8.68 4.28 -24.13
CA ARG F 44 8.72 5.16 -22.97
C ARG F 44 9.18 4.36 -21.74
N GLY F 45 8.92 3.07 -21.70
CA GLY F 45 9.42 2.23 -20.64
C GLY F 45 10.89 1.88 -20.72
N GLY F 46 11.52 2.13 -21.86
CA GLY F 46 12.92 1.89 -22.02
C GLY F 46 13.28 0.56 -22.64
N VAL F 47 12.35 -0.08 -23.37
CA VAL F 47 12.54 -1.41 -23.95
C VAL F 47 12.95 -1.27 -25.40
N LYS F 48 13.99 -1.99 -25.79
CA LYS F 48 14.55 -1.91 -27.13
C LYS F 48 14.03 -2.99 -28.08
N ARG F 49 14.02 -4.25 -27.64
CA ARG F 49 13.54 -5.38 -28.44
C ARG F 49 12.34 -6.04 -27.76
N ILE F 50 11.33 -6.43 -28.54
CA ILE F 50 10.04 -6.89 -28.02
C ILE F 50 9.66 -8.23 -28.71
N SER F 51 9.59 -9.31 -27.94
CA SER F 51 9.18 -10.60 -28.54
C SER F 51 7.74 -10.54 -29.02
N GLY F 52 7.39 -11.39 -29.98
CA GLY F 52 6.07 -11.30 -30.60
C GLY F 52 4.91 -11.61 -29.69
N LEU F 53 5.10 -12.45 -28.69
CA LEU F 53 3.97 -12.79 -27.84
C LEU F 53 3.59 -11.65 -26.90
N ILE F 54 4.49 -10.68 -26.68
CA ILE F 54 4.26 -9.58 -25.73
C ILE F 54 2.92 -8.91 -25.98
N TYR F 55 2.61 -8.60 -27.24
CA TYR F 55 1.40 -7.82 -27.54
C TYR F 55 0.15 -8.52 -26.98
N GLU F 56 0.08 -9.84 -27.04
CA GLU F 56 -1.04 -10.48 -26.38
C GLU F 56 -0.92 -10.43 -24.86
N GLU F 57 0.25 -10.74 -24.30
CA GLU F 57 0.44 -10.65 -22.86
C GLU F 57 0.10 -9.29 -22.31
N THR F 58 0.46 -8.22 -23.03
CA THR F 58 0.21 -6.88 -22.54
C THR F 58 -1.27 -6.61 -22.43
N ARG F 59 -2.04 -6.99 -23.47
CA ARG F 59 -3.48 -6.77 -23.44
C ARG F 59 -4.10 -7.55 -22.31
N GLY F 60 -3.51 -8.68 -21.97
CA GLY F 60 -4.00 -9.48 -20.90
C GLY F 60 -3.97 -8.68 -19.64
N VAL F 61 -2.76 -8.22 -19.31
CA VAL F 61 -2.52 -7.38 -18.15
C VAL F 61 -3.41 -6.16 -18.17
N LEU F 62 -3.51 -5.47 -19.32
CA LEU F 62 -4.25 -4.23 -19.34
C LEU F 62 -5.70 -4.43 -18.96
N LYS F 63 -6.32 -5.52 -19.47
CA LYS F 63 -7.72 -5.81 -19.18
C LYS F 63 -7.93 -6.05 -17.69
N VAL F 64 -7.06 -6.85 -17.06
CA VAL F 64 -7.15 -7.09 -15.63
C VAL F 64 -6.99 -5.78 -14.87
N PHE F 65 -6.16 -4.88 -15.37
CA PHE F 65 -6.02 -3.59 -14.70
C PHE F 65 -7.32 -2.82 -14.78
N LEU F 66 -7.83 -2.62 -15.99
CA LEU F 66 -9.05 -1.82 -16.17
C LEU F 66 -10.25 -2.43 -15.42
N GLU F 67 -10.46 -3.74 -15.57
CA GLU F 67 -11.51 -4.40 -14.83
C GLU F 67 -11.45 -3.98 -13.38
N ASN F 68 -10.31 -4.25 -12.72
CA ASN F 68 -10.18 -3.95 -11.30
C ASN F 68 -10.51 -2.50 -10.99
N VAL F 69 -10.01 -1.59 -11.81
CA VAL F 69 -10.26 -0.19 -11.51
C VAL F 69 -11.72 0.14 -11.78
N ILE F 70 -12.25 -0.26 -12.95
CA ILE F 70 -13.60 0.14 -13.31
C ILE F 70 -14.59 -0.49 -12.34
N ARG F 71 -14.35 -1.74 -11.94
CA ARG F 71 -15.20 -2.37 -10.94
C ARG F 71 -15.34 -1.48 -9.70
N ASP F 72 -14.22 -1.07 -9.13
CA ASP F 72 -14.27 -0.20 -7.95
C ASP F 72 -14.88 1.15 -8.30
N ALA F 73 -14.50 1.71 -9.44
CA ALA F 73 -15.03 3.01 -9.82
C ALA F 73 -16.53 2.96 -9.89
N VAL F 74 -17.06 1.88 -10.44
CA VAL F 74 -18.52 1.81 -10.57
C VAL F 74 -19.16 1.54 -9.22
N THR F 75 -18.48 0.82 -8.32
CA THR F 75 -19.05 0.68 -7.00
C THR F 75 -19.20 2.02 -6.33
N TYR F 76 -18.39 3.01 -6.68
CA TYR F 76 -18.63 4.32 -6.12
C TYR F 76 -19.84 4.94 -6.79
N THR F 77 -19.94 4.83 -8.11
CA THR F 77 -21.06 5.42 -8.83
C THR F 77 -22.37 4.86 -8.31
N GLU F 78 -22.44 3.55 -8.15
CA GLU F 78 -23.63 2.93 -7.60
C GLU F 78 -23.90 3.42 -6.19
N HIS F 79 -22.88 3.50 -5.34
CA HIS F 79 -23.18 3.94 -3.98
C HIS F 79 -23.73 5.37 -3.93
N ALA F 80 -23.34 6.21 -4.87
CA ALA F 80 -23.86 7.56 -4.94
C ALA F 80 -25.18 7.61 -5.67
N LYS F 81 -25.74 6.44 -5.95
CA LYS F 81 -27.00 6.30 -6.67
C LYS F 81 -26.99 7.11 -7.97
N ARG F 82 -25.86 7.14 -8.69
CA ARG F 82 -25.74 7.89 -9.93
C ARG F 82 -25.60 6.94 -11.12
N LYS F 83 -25.76 7.50 -12.31
CA LYS F 83 -25.68 6.75 -13.56
C LYS F 83 -24.47 7.18 -14.37
N THR F 84 -23.77 8.21 -13.92
CA THR F 84 -22.62 8.78 -14.61
C THR F 84 -21.37 8.50 -13.77
N VAL F 85 -20.41 7.79 -14.35
CA VAL F 85 -19.12 7.62 -13.69
C VAL F 85 -18.38 8.95 -13.73
N THR F 86 -18.11 9.53 -12.56
CA THR F 86 -17.43 10.82 -12.45
C THR F 86 -15.92 10.59 -12.40
N ALA F 87 -15.17 11.66 -12.68
CA ALA F 87 -13.72 11.53 -12.59
C ALA F 87 -13.30 11.26 -11.15
N MET F 88 -13.99 11.84 -10.16
CA MET F 88 -13.67 11.52 -8.77
C MET F 88 -13.91 10.06 -8.46
N ASP F 89 -14.85 9.43 -9.15
CA ASP F 89 -15.07 8.03 -8.90
C ASP F 89 -13.83 7.24 -9.29
N VAL F 90 -13.24 7.61 -10.43
CA VAL F 90 -12.04 6.93 -10.89
C VAL F 90 -10.87 7.23 -9.97
N VAL F 91 -10.77 8.48 -9.50
CA VAL F 91 -9.66 8.92 -8.65
C VAL F 91 -9.69 8.22 -7.30
N TYR F 92 -10.87 8.13 -6.68
CA TYR F 92 -11.03 7.35 -5.47
C TYR F 92 -10.69 5.89 -5.72
N ALA F 93 -11.05 5.39 -6.90
CA ALA F 93 -10.86 3.97 -7.19
C ALA F 93 -9.39 3.65 -7.31
N LEU F 94 -8.67 4.47 -8.08
CA LEU F 94 -7.21 4.34 -8.20
C LEU F 94 -6.53 4.49 -6.84
N LYS F 95 -7.01 5.42 -6.00
CA LYS F 95 -6.45 5.56 -4.66
C LYS F 95 -6.54 4.24 -3.91
N ARG F 96 -7.72 3.62 -3.95
CA ARG F 96 -7.93 2.33 -3.28
C ARG F 96 -6.95 1.26 -3.71
N GLN F 97 -6.54 1.28 -5.00
CA GLN F 97 -5.67 0.27 -5.59
C GLN F 97 -4.21 0.63 -5.41
N GLY F 98 -3.93 1.72 -4.70
CA GLY F 98 -2.58 2.23 -4.58
C GLY F 98 -2.02 2.71 -5.90
N ARG F 99 -2.84 3.36 -6.71
CA ARG F 99 -2.41 3.98 -7.95
C ARG F 99 -2.80 5.46 -7.97
N THR F 100 -2.72 6.13 -6.80
CA THR F 100 -3.00 7.55 -6.58
C THR F 100 -2.67 8.42 -7.78
N LEU F 101 -3.63 9.17 -8.30
CA LEU F 101 -3.46 9.96 -9.51
C LEU F 101 -3.72 11.43 -9.21
N TYR F 102 -2.76 12.29 -9.59
CA TYR F 102 -2.90 13.73 -9.45
C TYR F 102 -3.28 14.38 -10.78
N GLY F 103 -4.21 15.31 -10.74
CA GLY F 103 -4.40 16.13 -11.90
C GLY F 103 -5.81 16.05 -12.43
N PHE F 104 -6.63 15.26 -11.75
CA PHE F 104 -8.05 15.16 -12.02
C PHE F 104 -8.83 15.28 -10.73
N GLY F 105 -8.12 15.37 -9.61
CA GLY F 105 -8.66 15.09 -8.29
C GLY F 105 -9.45 16.15 -7.60
N GLY F 106 -10.28 16.88 -8.34
CA GLY F 106 -11.17 17.85 -7.72
C GLY F 106 -11.48 19.02 -8.64
N LYS G 19 -32.52 -10.09 25.99
CA LYS G 19 -33.08 -8.92 25.33
C LYS G 19 -32.02 -8.01 24.69
N THR G 20 -30.79 -8.51 24.50
CA THR G 20 -29.67 -7.72 23.98
C THR G 20 -29.85 -7.43 22.49
N ARG G 21 -28.84 -6.82 21.88
CA ARG G 21 -28.87 -6.58 20.46
C ARG G 21 -28.26 -7.70 19.64
N SER G 22 -27.21 -8.36 20.16
CA SER G 22 -26.56 -9.46 19.44
C SER G 22 -27.51 -10.63 19.29
N SER G 23 -28.30 -10.91 20.34
CA SER G 23 -29.28 -12.00 20.28
C SER G 23 -30.41 -11.63 19.33
N ARG G 24 -30.83 -10.36 19.37
CA ARG G 24 -31.84 -9.89 18.42
C ARG G 24 -31.38 -10.05 16.96
N ALA G 25 -30.09 -9.98 16.70
CA ALA G 25 -29.65 -10.18 15.33
C ALA G 25 -29.29 -11.62 15.03
N GLY G 26 -29.29 -12.47 16.05
CA GLY G 26 -29.00 -13.88 15.85
C GLY G 26 -27.52 -14.07 15.60
N LEU G 27 -26.70 -13.30 16.32
CA LEU G 27 -25.25 -13.31 16.19
C LEU G 27 -24.61 -13.65 17.52
N GLN G 28 -23.34 -14.05 17.44
CA GLN G 28 -22.54 -14.30 18.62
C GLN G 28 -21.61 -13.15 18.94
N PHE G 29 -21.30 -12.28 17.93
CA PHE G 29 -20.42 -11.11 18.08
C PHE G 29 -21.16 -9.95 18.73
N PRO G 30 -20.46 -9.14 19.52
CA PRO G 30 -21.11 -8.06 20.27
C PRO G 30 -21.52 -6.87 19.42
N VAL G 31 -22.81 -6.77 19.12
CA VAL G 31 -23.25 -5.67 18.27
C VAL G 31 -23.19 -4.36 19.03
N GLY G 32 -23.44 -4.41 20.33
CA GLY G 32 -23.32 -3.19 21.13
C GLY G 32 -21.90 -2.67 21.17
N ARG G 33 -20.94 -3.57 21.35
CA ARG G 33 -19.55 -3.16 21.43
C ARG G 33 -19.06 -2.65 20.07
N VAL G 34 -19.50 -3.27 18.98
CA VAL G 34 -19.13 -2.78 17.66
C VAL G 34 -19.72 -1.39 17.42
N HIS G 35 -20.91 -1.13 17.96
CA HIS G 35 -21.48 0.20 17.79
C HIS G 35 -20.67 1.21 18.57
N ARG G 36 -20.27 0.87 19.80
CA ARG G 36 -19.50 1.82 20.60
C ARG G 36 -18.14 2.08 19.98
N LEU G 37 -17.51 1.04 19.40
CA LEU G 37 -16.21 1.25 18.78
C LEU G 37 -16.33 2.08 17.50
N LEU G 38 -17.51 2.10 16.88
CA LEU G 38 -17.65 2.91 15.68
C LEU G 38 -17.91 4.36 16.03
N ARG G 39 -18.73 4.60 17.05
CA ARG G 39 -18.94 5.99 17.45
C ARG G 39 -17.63 6.59 17.93
N LYS G 40 -16.91 5.86 18.79
CA LYS G 40 -15.66 6.28 19.41
C LYS G 40 -14.43 6.15 18.53
N GLY G 41 -14.56 5.67 17.30
CA GLY G 41 -13.39 5.49 16.46
C GLY G 41 -13.07 6.70 15.59
N ASN G 42 -13.88 7.76 15.67
CA ASN G 42 -13.74 8.96 14.82
C ASN G 42 -13.90 8.61 13.35
N TYR G 43 -15.02 7.95 13.00
CA TYR G 43 -15.26 7.62 11.60
C TYR G 43 -16.29 8.52 10.94
N SER G 44 -17.36 8.86 11.64
CA SER G 44 -18.39 9.78 11.14
C SER G 44 -19.08 10.36 12.35
N GLU G 45 -19.75 11.49 12.14
CA GLU G 45 -20.47 12.16 13.22
C GLU G 45 -21.56 11.26 13.84
N ARG G 46 -22.40 10.63 13.00
CA ARG G 46 -23.45 9.72 13.44
C ARG G 46 -23.24 8.29 12.93
N VAL G 47 -23.70 7.33 13.71
CA VAL G 47 -23.66 5.92 13.34
C VAL G 47 -25.09 5.40 13.29
N GLY G 48 -25.54 5.00 12.10
CA GLY G 48 -26.83 4.37 11.97
C GLY G 48 -26.99 3.15 12.87
N ALA G 49 -28.23 2.73 13.05
CA ALA G 49 -28.51 1.76 14.09
C ALA G 49 -28.31 0.35 13.60
N GLY G 50 -28.36 0.18 12.28
CA GLY G 50 -28.26 -1.11 11.63
C GLY G 50 -26.84 -1.41 11.26
N ALA G 51 -26.03 -0.34 11.13
CA ALA G 51 -24.62 -0.50 10.77
C ALA G 51 -23.88 -1.44 11.72
N PRO G 52 -23.89 -1.23 13.04
CA PRO G 52 -23.09 -2.13 13.89
C PRO G 52 -23.55 -3.55 13.81
N VAL G 53 -24.85 -3.75 13.55
CA VAL G 53 -25.37 -5.11 13.36
C VAL G 53 -24.73 -5.70 12.12
N TYR G 54 -24.91 -5.01 11.00
CA TYR G 54 -24.38 -5.47 9.72
C TYR G 54 -22.90 -5.85 9.86
N LEU G 55 -22.11 -4.92 10.40
CA LEU G 55 -20.68 -5.13 10.54
C LEU G 55 -20.37 -6.32 11.43
N ALA G 56 -20.99 -6.39 12.62
CA ALA G 56 -20.70 -7.51 13.50
C ALA G 56 -21.02 -8.82 12.82
N ALA G 57 -22.01 -8.81 11.91
CA ALA G 57 -22.36 -9.99 11.14
C ALA G 57 -21.26 -10.35 10.14
N VAL G 58 -20.67 -9.35 9.50
CA VAL G 58 -19.60 -9.60 8.55
C VAL G 58 -18.36 -10.14 9.27
N LEU G 59 -18.12 -9.65 10.48
CA LEU G 59 -16.93 -10.09 11.22
C LEU G 59 -17.11 -11.51 11.73
N GLU G 60 -18.31 -11.79 12.24
CA GLU G 60 -18.59 -13.16 12.66
C GLU G 60 -18.45 -14.12 11.48
N TYR G 61 -19.10 -13.81 10.35
CA TYR G 61 -18.99 -14.69 9.18
C TYR G 61 -17.54 -14.98 8.78
N LEU G 62 -16.72 -13.92 8.58
CA LEU G 62 -15.32 -14.13 8.18
C LEU G 62 -14.54 -14.95 9.19
N THR G 63 -14.80 -14.70 10.49
CA THR G 63 -14.18 -15.51 11.53
C THR G 63 -14.59 -16.98 11.42
N ALA G 64 -15.88 -17.24 11.23
CA ALA G 64 -16.32 -18.62 11.01
C ALA G 64 -15.58 -19.26 9.84
N GLU G 65 -15.57 -18.60 8.68
CA GLU G 65 -14.92 -19.16 7.51
C GLU G 65 -13.47 -19.57 7.80
N ILE G 66 -12.72 -18.71 8.54
CA ILE G 66 -11.33 -19.04 8.83
C ILE G 66 -11.24 -20.21 9.80
N LEU G 67 -12.00 -20.16 10.89
CA LEU G 67 -11.96 -21.22 11.89
C LEU G 67 -12.30 -22.58 11.28
N GLU G 68 -13.32 -22.62 10.42
CA GLU G 68 -13.65 -23.79 9.63
C GLU G 68 -12.40 -24.34 8.93
N LEU G 69 -11.81 -23.55 8.01
CA LEU G 69 -10.67 -24.04 7.22
C LEU G 69 -9.47 -24.42 8.07
N ALA G 70 -9.24 -23.71 9.17
CA ALA G 70 -8.12 -24.01 10.07
C ALA G 70 -8.40 -25.26 10.90
N GLY G 71 -9.65 -25.44 11.34
CA GLY G 71 -10.04 -26.69 11.99
C GLY G 71 -9.79 -27.89 11.10
N ASN G 72 -10.12 -27.79 9.82
CA ASN G 72 -9.75 -28.86 8.89
C ASN G 72 -8.24 -29.03 8.83
N ALA G 73 -7.47 -27.94 8.88
CA ALA G 73 -6.03 -28.14 8.92
C ALA G 73 -5.61 -28.84 10.23
N ALA G 74 -6.36 -28.64 11.32
CA ALA G 74 -6.02 -29.26 12.58
C ALA G 74 -6.34 -30.74 12.58
N ARG G 75 -7.54 -31.11 12.11
CA ARG G 75 -7.86 -32.51 11.87
C ARG G 75 -6.82 -33.16 10.98
N ASP G 76 -6.62 -32.59 9.79
CA ASP G 76 -5.71 -33.17 8.80
C ASP G 76 -4.31 -33.36 9.37
N ASN G 77 -3.93 -32.57 10.37
CA ASN G 77 -2.64 -32.76 11.00
C ASN G 77 -2.71 -33.67 12.24
N LYS G 78 -3.86 -34.34 12.46
CA LYS G 78 -4.10 -35.29 13.56
C LYS G 78 -4.16 -34.64 14.94
N LYS G 79 -4.52 -33.35 15.02
CA LYS G 79 -4.55 -32.57 16.27
C LYS G 79 -5.94 -31.98 16.58
N THR G 80 -6.13 -31.66 17.86
CA THR G 80 -7.39 -31.17 18.41
C THR G 80 -7.40 -29.67 18.66
N ARG G 81 -6.23 -29.05 18.75
CA ARG G 81 -6.09 -27.65 19.13
C ARG G 81 -5.52 -26.88 17.94
N ILE G 82 -6.21 -25.81 17.55
CA ILE G 82 -5.79 -25.01 16.40
C ILE G 82 -4.61 -24.14 16.82
N ILE G 83 -3.48 -24.27 16.13
CA ILE G 83 -2.31 -23.43 16.43
C ILE G 83 -2.14 -22.44 15.28
N PRO G 84 -1.22 -21.49 15.38
CA PRO G 84 -0.98 -20.58 14.25
C PRO G 84 -0.70 -21.26 12.93
N ARG G 85 0.03 -22.39 12.95
CA ARG G 85 0.35 -23.09 11.72
C ARG G 85 -0.91 -23.43 10.94
N HIS G 86 -1.89 -24.02 11.61
CA HIS G 86 -3.15 -24.37 10.97
C HIS G 86 -3.83 -23.16 10.36
N LEU G 87 -3.72 -22.01 11.03
CA LEU G 87 -4.28 -20.78 10.49
C LEU G 87 -3.58 -20.35 9.20
N GLN G 88 -2.24 -20.38 9.18
CA GLN G 88 -1.51 -19.97 7.99
C GLN G 88 -1.75 -20.95 6.83
N LEU G 89 -1.78 -22.24 7.12
CA LEU G 89 -2.17 -23.20 6.09
C LEU G 89 -3.57 -22.89 5.58
N ALA G 90 -4.52 -22.56 6.46
CA ALA G 90 -5.86 -22.22 6.00
C ALA G 90 -5.90 -20.95 5.15
N ILE G 91 -5.10 -19.93 5.49
CA ILE G 91 -5.14 -18.68 4.74
C ILE G 91 -4.47 -18.83 3.38
N ARG G 92 -3.29 -19.46 3.32
CA ARG G 92 -2.53 -19.49 2.05
C ARG G 92 -3.00 -20.58 1.10
N ASN G 93 -3.59 -21.64 1.60
CA ASN G 93 -4.07 -22.67 0.68
C ASN G 93 -5.40 -22.31 0.06
N ASP G 94 -6.19 -21.47 0.74
CA ASP G 94 -7.40 -20.90 0.16
C ASP G 94 -7.10 -19.62 -0.61
N GLU G 95 -7.68 -19.52 -1.82
CA GLU G 95 -7.37 -18.40 -2.73
C GLU G 95 -7.85 -17.04 -2.22
N GLU G 96 -9.14 -16.93 -1.84
CA GLU G 96 -9.69 -15.58 -1.58
C GLU G 96 -9.26 -15.00 -0.24
N LEU G 97 -9.05 -15.83 0.78
CA LEU G 97 -8.54 -15.32 2.05
C LEU G 97 -7.09 -14.92 1.89
N ASN G 98 -6.38 -15.61 1.01
CA ASN G 98 -5.05 -15.19 0.65
C ASN G 98 -5.08 -13.81 0.00
N LYS G 99 -6.05 -13.56 -0.89
CA LYS G 99 -6.14 -12.21 -1.46
C LYS G 99 -6.38 -11.21 -0.34
N LEU G 100 -7.26 -11.54 0.60
CA LEU G 100 -7.68 -10.57 1.60
C LEU G 100 -6.60 -10.28 2.63
N LEU G 101 -5.73 -11.25 2.93
CA LEU G 101 -4.65 -11.10 3.91
C LEU G 101 -3.29 -11.22 3.23
N GLY G 102 -3.22 -10.78 1.98
CA GLY G 102 -1.98 -10.89 1.23
C GLY G 102 -0.85 -10.08 1.82
N ARG G 103 -1.15 -9.00 2.52
CA ARG G 103 -0.10 -8.17 3.09
C ARG G 103 -0.03 -8.32 4.61
N VAL G 104 -0.50 -9.44 5.13
CA VAL G 104 -0.51 -9.75 6.55
C VAL G 104 0.43 -10.91 6.82
N THR G 105 1.17 -10.79 7.93
CA THR G 105 2.13 -11.78 8.41
C THR G 105 1.59 -12.45 9.67
N ILE G 106 1.41 -13.76 9.62
CA ILE G 106 0.83 -14.51 10.71
C ILE G 106 1.97 -15.05 11.56
N ALA G 107 2.19 -14.42 12.72
CA ALA G 107 3.32 -14.81 13.56
C ALA G 107 3.21 -16.28 13.94
N GLN G 108 4.38 -16.93 13.95
CA GLN G 108 4.45 -18.36 14.26
C GLN G 108 3.74 -19.18 13.18
N GLY G 109 3.71 -18.67 11.95
CA GLY G 109 2.92 -19.28 10.91
C GLY G 109 3.64 -20.16 9.91
N GLY G 110 4.93 -19.95 9.72
CA GLY G 110 5.70 -20.70 8.74
C GLY G 110 5.26 -20.35 7.33
N VAL G 111 5.84 -21.08 6.37
CA VAL G 111 5.46 -20.94 4.97
C VAL G 111 4.85 -22.25 4.49
N LEU G 112 4.21 -22.21 3.32
CA LEU G 112 3.69 -23.45 2.76
C LEU G 112 4.85 -24.24 2.15
N PRO G 113 4.90 -25.56 2.35
CA PRO G 113 5.90 -26.35 1.65
C PRO G 113 5.80 -26.11 0.15
N ASN G 114 6.93 -25.70 -0.44
CA ASN G 114 6.96 -25.41 -1.87
C ASN G 114 8.41 -25.39 -2.36
N ILE G 115 8.80 -26.42 -3.13
CA ILE G 115 10.09 -26.47 -3.81
C ILE G 115 9.88 -26.35 -5.31
N GLN G 116 10.57 -25.39 -5.92
CA GLN G 116 10.52 -25.16 -7.35
C GLN G 116 10.96 -26.41 -8.09
N ALA G 117 10.26 -26.77 -9.17
CA ALA G 117 10.58 -28.03 -9.84
C ALA G 117 12.01 -28.06 -10.33
N VAL G 118 12.48 -26.94 -10.88
CA VAL G 118 13.83 -26.79 -11.41
C VAL G 118 14.92 -27.30 -10.46
N LEU G 119 14.61 -27.37 -9.16
CA LEU G 119 15.59 -27.64 -8.11
C LEU G 119 15.69 -29.10 -7.68
N LEU G 120 14.85 -29.99 -8.23
CA LEU G 120 14.66 -31.39 -7.90
C LEU G 120 15.68 -32.31 -8.59
N PRO G 121 15.97 -33.44 -7.92
CA PRO G 121 16.96 -34.40 -8.44
C PRO G 121 16.71 -34.82 -9.88
N LYS G 122 17.80 -35.25 -10.53
CA LYS G 122 17.83 -35.67 -11.95
C LYS G 122 16.96 -34.74 -12.82
N LYS H 38 -9.13 -4.35 30.37
CA LYS H 38 -8.72 -4.58 28.96
C LYS H 38 -9.66 -5.55 28.13
N GLU H 39 -10.25 -5.05 27.04
CA GLU H 39 -11.19 -5.84 26.22
C GLU H 39 -10.45 -6.79 25.25
N SER H 40 -11.25 -7.61 24.56
CA SER H 40 -10.77 -8.52 23.51
C SER H 40 -11.97 -9.13 22.79
N TYR H 41 -11.69 -9.87 21.71
CA TYR H 41 -12.69 -10.60 20.95
C TYR H 41 -12.63 -12.08 21.24
N SER H 42 -12.01 -12.43 22.38
CA SER H 42 -11.64 -13.81 22.69
C SER H 42 -12.85 -14.74 22.83
N ILE H 43 -13.84 -14.35 23.64
CA ILE H 43 -14.99 -15.22 23.94
C ILE H 43 -15.90 -15.41 22.74
N TYR H 44 -15.87 -14.46 21.80
CA TYR H 44 -16.72 -14.53 20.63
C TYR H 44 -16.11 -15.45 19.57
N VAL H 45 -14.79 -15.41 19.44
CA VAL H 45 -14.12 -16.35 18.56
C VAL H 45 -14.28 -17.76 19.11
N TYR H 46 -14.16 -17.94 20.42
CA TYR H 46 -14.33 -19.27 20.97
C TYR H 46 -15.75 -19.78 20.71
N LYS H 47 -16.74 -18.88 20.86
CA LYS H 47 -18.14 -19.25 20.60
C LYS H 47 -18.31 -19.74 19.15
N VAL H 48 -17.85 -18.95 18.17
CA VAL H 48 -18.03 -19.32 16.77
C VAL H 48 -17.24 -20.57 16.44
N LEU H 49 -16.15 -20.80 17.18
CA LEU H 49 -15.38 -22.02 16.96
C LEU H 49 -16.21 -23.21 17.39
N LYS H 50 -16.92 -23.07 18.50
CA LYS H 50 -17.79 -24.13 18.96
C LYS H 50 -18.98 -24.36 18.01
N GLN H 51 -19.36 -23.36 17.23
CA GLN H 51 -20.36 -23.67 16.19
C GLN H 51 -19.77 -24.53 15.09
N VAL H 52 -18.69 -24.09 14.46
CA VAL H 52 -18.26 -24.84 13.27
C VAL H 52 -17.60 -26.17 13.67
N HIS H 53 -16.78 -26.15 14.70
CA HIS H 53 -16.04 -27.34 15.14
C HIS H 53 -16.20 -27.53 16.64
N PRO H 54 -17.33 -28.10 17.09
CA PRO H 54 -17.56 -28.16 18.55
C PRO H 54 -16.55 -29.08 19.24
N ASP H 55 -15.87 -29.92 18.45
CA ASP H 55 -14.91 -30.87 18.97
C ASP H 55 -13.55 -30.22 19.21
N THR H 56 -13.17 -29.25 18.39
CA THR H 56 -11.81 -28.73 18.46
C THR H 56 -11.73 -27.43 19.29
N GLY H 57 -10.53 -27.15 19.75
CA GLY H 57 -10.21 -26.00 20.58
C GLY H 57 -9.11 -25.16 19.95
N ILE H 58 -8.64 -24.14 20.66
CA ILE H 58 -7.77 -23.13 20.04
C ILE H 58 -6.70 -22.62 21.01
N SER H 59 -5.46 -22.63 20.51
CA SER H 59 -4.27 -22.19 21.21
C SER H 59 -4.38 -20.72 21.55
N SER H 60 -3.55 -20.29 22.50
CA SER H 60 -3.58 -18.90 22.95
C SER H 60 -2.97 -17.95 21.93
N LYS H 61 -1.80 -18.31 21.38
CA LYS H 61 -1.20 -17.51 20.31
C LYS H 61 -2.12 -17.40 19.11
N ALA H 62 -2.81 -18.50 18.78
CA ALA H 62 -3.77 -18.50 17.68
C ALA H 62 -5.00 -17.67 18.00
N MET H 63 -5.38 -17.58 19.28
CA MET H 63 -6.46 -16.67 19.62
C MET H 63 -6.01 -15.24 19.46
N GLY H 64 -4.76 -14.95 19.77
CA GLY H 64 -4.26 -13.61 19.52
C GLY H 64 -4.31 -13.29 18.05
N ILE H 65 -4.01 -14.27 17.20
CA ILE H 65 -4.02 -14.03 15.76
C ILE H 65 -5.44 -13.75 15.30
N MET H 66 -6.41 -14.47 15.82
CA MET H 66 -7.79 -14.20 15.45
C MET H 66 -8.20 -12.81 15.90
N ASN H 67 -7.78 -12.44 17.11
CA ASN H 67 -8.06 -11.10 17.60
C ASN H 67 -7.53 -10.03 16.63
N SER H 68 -6.25 -10.16 16.25
CA SER H 68 -5.65 -9.20 15.33
C SER H 68 -6.41 -9.16 14.02
N PHE H 69 -6.92 -10.32 13.59
CA PHE H 69 -7.65 -10.39 12.33
C PHE H 69 -8.96 -9.65 12.44
N VAL H 70 -9.66 -9.78 13.56
CA VAL H 70 -10.92 -9.10 13.70
C VAL H 70 -10.68 -7.60 13.77
N ASN H 71 -9.69 -7.18 14.53
CA ASN H 71 -9.43 -5.74 14.62
C ASN H 71 -9.07 -5.18 13.26
N ASP H 72 -8.23 -5.90 12.53
CA ASP H 72 -7.82 -5.44 11.21
C ASP H 72 -9.01 -5.26 10.28
N ILE H 73 -9.82 -6.31 10.12
CA ILE H 73 -10.92 -6.24 9.18
C ILE H 73 -11.89 -5.14 9.61
N PHE H 74 -12.10 -5.02 10.92
CA PHE H 74 -12.93 -3.93 11.42
C PHE H 74 -12.41 -2.60 10.93
N GLU H 75 -11.10 -2.36 11.11
CA GLU H 75 -10.52 -1.08 10.73
C GLU H 75 -10.70 -0.81 9.25
N ARG H 76 -10.35 -1.79 8.40
CA ARG H 76 -10.47 -1.64 6.94
C ARG H 76 -11.88 -1.27 6.53
N ILE H 77 -12.86 -2.03 7.03
CA ILE H 77 -14.25 -1.79 6.66
C ILE H 77 -14.72 -0.43 7.19
N ALA H 78 -14.47 -0.15 8.47
CA ALA H 78 -14.97 1.07 9.07
C ALA H 78 -14.41 2.29 8.36
N SER H 79 -13.13 2.27 8.05
CA SER H 79 -12.57 3.46 7.44
C SER H 79 -13.00 3.59 5.98
N GLU H 80 -13.12 2.47 5.26
CA GLU H 80 -13.68 2.59 3.91
C GLU H 80 -15.10 3.14 3.94
N ALA H 81 -15.90 2.75 4.94
CA ALA H 81 -17.25 3.26 5.04
C ALA H 81 -17.25 4.74 5.35
N SER H 82 -16.32 5.16 6.21
CA SER H 82 -16.15 6.57 6.51
C SER H 82 -15.89 7.34 5.23
N ARG H 83 -14.97 6.86 4.41
CA ARG H 83 -14.66 7.58 3.18
C ARG H 83 -15.87 7.64 2.27
N LEU H 84 -16.65 6.54 2.21
CA LEU H 84 -17.88 6.54 1.42
C LEU H 84 -18.78 7.70 1.84
N ALA H 85 -19.02 7.78 3.16
CA ALA H 85 -19.83 8.84 3.72
C ALA H 85 -19.28 10.19 3.28
N HIS H 86 -18.00 10.46 3.53
CA HIS H 86 -17.45 11.78 3.20
C HIS H 86 -17.55 12.08 1.71
N TYR H 87 -17.17 11.10 0.87
CA TYR H 87 -17.18 11.33 -0.57
C TYR H 87 -18.56 11.78 -1.03
N ASN H 88 -19.61 11.29 -0.40
CA ASN H 88 -20.94 11.69 -0.81
C ASN H 88 -21.53 12.77 0.09
N LYS H 89 -20.72 13.40 0.94
CA LYS H 89 -21.16 14.46 1.84
C LYS H 89 -22.26 13.99 2.78
N ARG H 90 -22.26 12.70 3.10
CA ARG H 90 -23.15 12.19 4.12
C ARG H 90 -22.49 12.29 5.48
N SER H 91 -23.31 12.51 6.48
CA SER H 91 -22.87 12.69 7.85
C SER H 91 -22.97 11.44 8.71
N THR H 92 -23.64 10.38 8.25
CA THR H 92 -23.88 9.18 9.03
C THR H 92 -23.46 7.92 8.27
N ILE H 93 -22.81 7.01 8.99
CA ILE H 93 -22.44 5.70 8.47
C ILE H 93 -23.60 4.75 8.73
N THR H 94 -24.26 4.31 7.66
CA THR H 94 -25.36 3.36 7.72
C THR H 94 -24.92 1.99 7.21
N SER H 95 -25.80 1.00 7.36
CA SER H 95 -25.52 -0.32 6.78
C SER H 95 -25.30 -0.25 5.27
N ARG H 96 -25.81 0.79 4.61
CA ARG H 96 -25.58 0.94 3.19
C ARG H 96 -24.11 1.13 2.93
N GLU H 97 -23.48 1.97 3.75
CA GLU H 97 -22.06 2.23 3.65
C GLU H 97 -21.25 0.99 4.00
N VAL H 98 -21.54 0.36 5.16
CA VAL H 98 -20.84 -0.88 5.51
C VAL H 98 -20.91 -1.86 4.36
N GLN H 99 -22.05 -1.92 3.68
CA GLN H 99 -22.22 -2.89 2.58
C GLN H 99 -21.28 -2.56 1.44
N THR H 100 -21.33 -1.31 0.94
CA THR H 100 -20.45 -0.95 -0.16
C THR H 100 -18.99 -1.11 0.24
N ALA H 101 -18.68 -0.90 1.51
CA ALA H 101 -17.36 -1.20 2.05
C ALA H 101 -17.00 -2.66 1.87
N VAL H 102 -17.90 -3.56 2.25
CA VAL H 102 -17.66 -5.01 2.07
C VAL H 102 -17.49 -5.35 0.59
N ARG H 103 -18.28 -4.74 -0.29
CA ARG H 103 -18.13 -4.98 -1.72
C ARG H 103 -16.75 -4.58 -2.19
N LEU H 104 -16.26 -3.42 -1.74
CA LEU H 104 -14.95 -2.91 -2.16
C LEU H 104 -13.79 -3.71 -1.58
N LEU H 105 -13.94 -4.20 -0.35
CA LEU H 105 -12.83 -4.77 0.39
C LEU H 105 -12.75 -6.27 0.28
N LEU H 106 -13.88 -6.93 0.18
CA LEU H 106 -13.80 -8.38 0.17
C LEU H 106 -13.76 -8.93 -1.25
N PRO H 107 -12.83 -9.82 -1.52
CA PRO H 107 -12.78 -10.44 -2.84
C PRO H 107 -13.95 -11.36 -3.05
N GLY H 108 -15.09 -10.88 -3.55
CA GLY H 108 -16.28 -11.73 -3.76
C GLY H 108 -15.71 -12.86 -4.55
N GLU H 109 -16.05 -14.11 -4.27
CA GLU H 109 -17.18 -14.59 -3.50
C GLU H 109 -17.21 -14.42 -1.99
N LEU H 110 -16.08 -14.12 -1.37
CA LEU H 110 -16.16 -13.84 0.06
C LEU H 110 -17.11 -12.70 0.33
N ALA H 111 -17.20 -11.76 -0.61
CA ALA H 111 -18.07 -10.60 -0.46
C ALA H 111 -19.52 -10.98 -0.59
N LYS H 112 -19.87 -11.83 -1.58
CA LYS H 112 -21.25 -12.28 -1.75
C LYS H 112 -21.81 -12.87 -0.46
N HIS H 113 -21.07 -13.81 0.14
CA HIS H 113 -21.47 -14.39 1.43
C HIS H 113 -21.47 -13.36 2.55
N ALA H 114 -20.53 -12.43 2.53
CA ALA H 114 -20.52 -11.40 3.55
C ALA H 114 -21.78 -10.56 3.47
N VAL H 115 -22.06 -9.97 2.31
CA VAL H 115 -23.28 -9.17 2.12
C VAL H 115 -24.52 -9.96 2.52
N SER H 116 -24.54 -11.27 2.22
CA SER H 116 -25.68 -12.08 2.64
C SER H 116 -25.76 -12.08 4.15
N GLU H 117 -24.75 -12.62 4.82
CA GLU H 117 -24.72 -12.75 6.28
C GLU H 117 -25.09 -11.45 6.96
N GLY H 118 -24.76 -10.34 6.32
CA GLY H 118 -24.97 -9.02 6.90
C GLY H 118 -26.40 -8.57 6.76
N THR H 119 -26.93 -8.58 5.53
CA THR H 119 -28.32 -8.19 5.36
C THR H 119 -29.24 -9.14 6.14
N LYS H 120 -28.93 -10.44 6.14
CA LYS H 120 -29.64 -11.40 6.96
C LYS H 120 -29.68 -10.95 8.41
N ALA H 121 -28.53 -10.64 9.00
CA ALA H 121 -28.57 -10.27 10.41
C ALA H 121 -29.31 -8.96 10.64
N VAL H 122 -29.31 -8.05 9.67
CA VAL H 122 -30.00 -6.78 9.88
C VAL H 122 -31.50 -6.93 9.76
N THR H 123 -31.94 -7.72 8.76
CA THR H 123 -33.35 -8.10 8.63
C THR H 123 -33.88 -8.74 9.90
N LYS H 124 -33.22 -9.81 10.37
CA LYS H 124 -33.65 -10.41 11.64
C LYS H 124 -33.63 -9.39 12.79
N TYR H 125 -32.66 -8.46 12.81
CA TYR H 125 -32.63 -7.51 13.91
C TYR H 125 -33.86 -6.61 13.90
N THR H 126 -34.22 -6.07 12.73
CA THR H 126 -35.31 -5.09 12.74
C THR H 126 -36.70 -5.76 12.79
N SER H 127 -36.80 -7.03 12.39
CA SER H 127 -38.03 -7.78 12.66
C SER H 127 -38.42 -7.67 14.12
N SER H 128 -37.49 -7.96 15.00
CA SER H 128 -37.80 -8.15 16.41
C SER H 128 -37.52 -6.90 17.25
#